data_2H3U
#
_entry.id   2H3U
#
_cell.length_a   164.510
_cell.length_b   89.740
_cell.length_c   122.950
_cell.angle_alpha   90.00
_cell.angle_beta   128.96
_cell.angle_gamma   90.00
#
_symmetry.space_group_name_H-M   'C 1 2 1'
#
loop_
_entity.id
_entity.type
_entity.pdbx_description
1 polymer 'carnitine acetyltransferase'
2 non-polymer 'COENZYME A'
3 non-polymer CARNITINE
4 water water
#
_entity_poly.entity_id   1
_entity_poly.type   'polypeptide(L)'
_entity_poly.pdbx_seq_one_letter_code
;SHMAHQDALPRLPVPPLQQSLDYYLKALQPIVSEEEWAHTKQLVDEFQTSGGVGERLQKGLERRAKKMENWLSEWWLKTA
YLQFRQPVVIYSSPGVILPKQDFVDLQGQLRFAAKLIEGVLDFKSMIDNETLPVEFLGGQPLCMNQYYQILSSCRVPGPK
QDSVVNFLKSKRPPTHITVVHNYQFFELDVYHSDGTPLTSDQIFVQLEKIWNSSLQSNKEPVGILTSNHRNTWAKAYNNL
IKDKVNRESVNSIQKSIFTVCLDKQVPRVSDDVYRNHVAGQMLHGGGSKFNSGNRWFDKTLQFIVAEDGSCGMVYEHAAA
EGPPIVALVDHVMEYTKKPELVRSPMVPLPMPKKLRFNITPEIKNDIEKAKQNLSIMIQDLDIMMLTFHHFGKDFPKSEK
LSPDAFIQVALQLAYYRIYGQACATYESASLRMFHLGRTDTIRSASIDSLAFVKGMGDSTVPEQQKVELLRKAVQAHRAY
TDRAIRGEAFDRHLLGLKLQAIEDLVSMPDIFMDTSYAIAMHFNLSTSQVPAKTDCVMFFGPVVPDGYGICYNPMEAHIN
FSVSAYNSCAETNAARMAHYLEKALLDMRTLLQNHPRAK
;
_entity_poly.pdbx_strand_id   A,B
#
# COMPACT_ATOMS: atom_id res chain seq x y z
N SER A 1 24.34 31.34 -20.05
CA SER A 1 23.71 31.64 -21.37
C SER A 1 24.72 31.54 -22.50
N HIS A 2 24.40 32.16 -23.63
CA HIS A 2 25.27 32.16 -24.79
C HIS A 2 26.66 32.62 -24.36
N MET A 3 27.65 31.73 -24.44
CA MET A 3 29.02 32.05 -24.04
C MET A 3 29.59 33.32 -24.67
N ALA A 4 29.38 33.48 -25.97
CA ALA A 4 29.91 34.65 -26.69
C ALA A 4 29.45 35.95 -26.03
N HIS A 5 28.20 35.98 -25.57
CA HIS A 5 27.63 37.15 -24.91
C HIS A 5 28.19 37.39 -23.51
N GLN A 6 28.10 36.36 -22.67
CA GLN A 6 28.58 36.45 -21.30
C GLN A 6 30.04 36.88 -21.16
N ASP A 7 30.88 36.51 -22.13
CA ASP A 7 32.29 36.86 -22.09
C ASP A 7 32.58 38.32 -22.41
N ALA A 8 31.79 38.89 -23.31
CA ALA A 8 31.98 40.28 -23.70
C ALA A 8 31.50 41.23 -22.61
N LEU A 9 30.74 40.71 -21.66
CA LEU A 9 30.21 41.53 -20.58
C LEU A 9 31.25 41.83 -19.50
N PRO A 10 31.20 43.04 -18.92
CA PRO A 10 32.14 43.45 -17.87
C PRO A 10 31.90 42.72 -16.55
N ARG A 11 32.97 42.51 -15.78
CA ARG A 11 32.87 41.83 -14.49
C ARG A 11 32.44 42.80 -13.40
N LEU A 12 31.74 42.29 -12.39
CA LEU A 12 31.27 43.12 -11.29
C LEU A 12 32.44 43.86 -10.66
N PRO A 13 32.39 45.19 -10.65
CA PRO A 13 33.47 45.98 -10.06
C PRO A 13 33.40 46.07 -8.56
N VAL A 14 34.48 46.56 -7.97
CA VAL A 14 34.57 46.75 -6.54
C VAL A 14 34.71 48.27 -6.39
N PRO A 15 33.65 48.95 -5.93
CA PRO A 15 33.68 50.39 -5.75
C PRO A 15 34.79 50.85 -4.82
N PRO A 16 35.23 52.12 -4.95
CA PRO A 16 36.30 52.66 -4.11
C PRO A 16 35.82 52.68 -2.66
N LEU A 17 36.74 52.42 -1.72
CA LEU A 17 36.42 52.39 -0.30
C LEU A 17 35.89 53.71 0.24
N GLN A 18 36.61 54.79 -0.03
CA GLN A 18 36.20 56.10 0.45
C GLN A 18 34.88 56.53 -0.17
N GLN A 19 34.70 56.24 -1.46
CA GLN A 19 33.48 56.59 -2.16
C GLN A 19 32.24 55.96 -1.51
N SER A 20 32.28 54.64 -1.33
CA SER A 20 31.15 53.93 -0.71
C SER A 20 30.86 54.41 0.71
N LEU A 21 31.92 54.61 1.50
CA LEU A 21 31.74 55.07 2.88
C LEU A 21 31.13 56.45 2.90
N ASP A 22 31.42 57.23 1.85
CA ASP A 22 30.89 58.58 1.75
C ASP A 22 29.37 58.48 1.55
N TYR A 23 28.95 57.68 0.58
CA TYR A 23 27.53 57.50 0.31
C TYR A 23 26.79 56.90 1.50
N TYR A 24 27.48 56.03 2.23
CA TYR A 24 26.91 55.38 3.41
C TYR A 24 26.48 56.45 4.44
N LEU A 25 27.41 57.33 4.79
CA LEU A 25 27.13 58.39 5.76
C LEU A 25 25.97 59.29 5.31
N LYS A 26 25.91 59.59 4.02
CA LYS A 26 24.84 60.42 3.47
C LYS A 26 23.48 59.74 3.62
N ALA A 27 23.40 58.47 3.24
CA ALA A 27 22.16 57.72 3.31
C ALA A 27 21.71 57.47 4.75
N LEU A 28 22.62 57.64 5.70
CA LEU A 28 22.30 57.44 7.11
C LEU A 28 21.71 58.67 7.77
N GLN A 29 22.20 59.84 7.37
CA GLN A 29 21.72 61.09 7.97
C GLN A 29 20.21 61.20 8.19
N PRO A 30 19.41 60.85 7.16
CA PRO A 30 17.96 60.94 7.32
C PRO A 30 17.28 59.83 8.15
N ILE A 31 18.04 58.80 8.51
CA ILE A 31 17.46 57.69 9.27
C ILE A 31 18.07 57.42 10.64
N VAL A 32 19.06 58.22 11.04
CA VAL A 32 19.68 58.04 12.35
C VAL A 32 19.85 59.39 13.06
N SER A 33 19.87 59.34 14.39
CA SER A 33 20.03 60.56 15.17
C SER A 33 21.40 61.17 14.93
N GLU A 34 21.53 62.46 15.21
CA GLU A 34 22.81 63.15 15.02
C GLU A 34 23.93 62.53 15.84
N GLU A 35 23.58 62.11 17.06
CA GLU A 35 24.55 61.49 17.95
C GLU A 35 25.15 60.24 17.33
N GLU A 36 24.28 59.38 16.80
CA GLU A 36 24.70 58.14 16.17
C GLU A 36 25.53 58.42 14.91
N TRP A 37 25.14 59.44 14.15
CA TRP A 37 25.86 59.79 12.92
C TRP A 37 27.29 60.20 13.23
N ALA A 38 27.45 61.07 14.24
CA ALA A 38 28.77 61.54 14.63
C ALA A 38 29.67 60.36 15.01
N HIS A 39 29.10 59.42 15.76
CA HIS A 39 29.84 58.23 16.17
C HIS A 39 30.23 57.42 14.94
N THR A 40 29.26 57.17 14.06
CA THR A 40 29.53 56.40 12.85
C THR A 40 30.58 57.11 12.00
N LYS A 41 30.50 58.43 11.96
CA LYS A 41 31.45 59.24 11.20
C LYS A 41 32.88 58.95 11.64
N GLN A 42 33.07 58.80 12.95
CA GLN A 42 34.38 58.51 13.52
C GLN A 42 34.90 57.14 13.09
N LEU A 43 34.03 56.14 13.21
CA LEU A 43 34.37 54.77 12.84
C LEU A 43 34.84 54.70 11.38
N VAL A 44 34.14 55.42 10.51
CA VAL A 44 34.49 55.44 9.10
C VAL A 44 35.88 55.98 8.84
N ASP A 45 36.22 57.12 9.44
CA ASP A 45 37.54 57.72 9.27
C ASP A 45 38.64 56.72 9.60
N GLU A 46 38.51 56.10 10.76
CA GLU A 46 39.49 55.11 11.22
C GLU A 46 39.52 53.94 10.26
N PHE A 47 38.33 53.41 9.96
CA PHE A 47 38.16 52.27 9.08
C PHE A 47 38.87 52.42 7.73
N GLN A 48 39.03 53.65 7.26
CA GLN A 48 39.68 53.86 5.95
C GLN A 48 41.06 54.49 5.98
N THR A 49 41.60 54.75 7.16
CA THR A 49 42.93 55.35 7.25
C THR A 49 43.98 54.45 6.62
N SER A 50 45.06 55.05 6.12
CA SER A 50 46.14 54.28 5.51
C SER A 50 46.69 53.24 6.46
N GLY A 51 46.85 52.02 5.96
CA GLY A 51 47.36 50.93 6.79
C GLY A 51 46.35 50.48 7.82
N GLY A 52 45.07 50.78 7.59
CA GLY A 52 44.04 50.38 8.54
C GLY A 52 43.29 49.13 8.17
N VAL A 53 42.25 48.83 8.94
CA VAL A 53 41.43 47.64 8.72
C VAL A 53 40.74 47.66 7.36
N GLY A 54 39.96 48.69 7.10
CA GLY A 54 39.23 48.81 5.85
C GLY A 54 40.09 48.67 4.60
N GLU A 55 41.27 49.29 4.62
CA GLU A 55 42.16 49.24 3.48
C GLU A 55 42.53 47.79 3.18
N ARG A 56 42.82 47.00 4.21
CA ARG A 56 43.19 45.60 4.03
C ARG A 56 42.03 44.78 3.49
N LEU A 57 40.83 45.01 4.02
CA LEU A 57 39.64 44.29 3.58
C LEU A 57 39.36 44.64 2.13
N GLN A 58 39.56 45.90 1.77
CA GLN A 58 39.34 46.34 0.41
C GLN A 58 40.26 45.58 -0.56
N LYS A 59 41.52 45.42 -0.17
CA LYS A 59 42.47 44.70 -1.02
C LYS A 59 42.01 43.26 -1.22
N GLY A 60 41.46 42.69 -0.16
CA GLY A 60 40.97 41.32 -0.23
C GLY A 60 39.90 41.20 -1.28
N LEU A 61 38.97 42.14 -1.28
CA LEU A 61 37.87 42.15 -2.26
C LEU A 61 38.42 42.25 -3.68
N GLU A 62 39.41 43.10 -3.89
CA GLU A 62 39.99 43.25 -5.22
C GLU A 62 40.71 41.96 -5.64
N ARG A 63 41.29 41.25 -4.68
CA ARG A 63 41.95 39.98 -5.03
C ARG A 63 40.85 38.99 -5.39
N ARG A 64 39.73 39.07 -4.66
CA ARG A 64 38.61 38.16 -4.89
C ARG A 64 38.08 38.33 -6.32
N ALA A 65 37.95 39.57 -6.77
CA ALA A 65 37.46 39.88 -8.11
C ALA A 65 38.38 39.32 -9.18
N LYS A 66 39.66 39.16 -8.84
CA LYS A 66 40.65 38.65 -9.78
C LYS A 66 40.63 37.13 -9.83
N LYS A 67 40.20 36.50 -8.74
CA LYS A 67 40.15 35.05 -8.68
C LYS A 67 38.78 34.44 -9.01
N MET A 68 37.78 35.29 -9.22
CA MET A 68 36.42 34.84 -9.52
C MET A 68 35.78 35.60 -10.67
N GLU A 69 34.79 34.98 -11.30
CA GLU A 69 34.06 35.62 -12.41
C GLU A 69 33.20 36.78 -11.88
N ASN A 70 32.74 36.64 -10.64
CA ASN A 70 31.94 37.66 -9.98
C ASN A 70 32.27 37.51 -8.50
N TRP A 71 32.86 38.54 -7.90
CA TRP A 71 33.26 38.46 -6.51
C TRP A 71 32.11 38.34 -5.51
N LEU A 72 30.93 38.78 -5.92
CA LEU A 72 29.75 38.77 -5.06
C LEU A 72 28.81 37.58 -5.19
N SER A 73 28.71 37.03 -6.40
CA SER A 73 27.82 35.92 -6.72
C SER A 73 27.51 34.91 -5.62
N GLU A 74 28.50 34.10 -5.28
CA GLU A 74 28.34 33.07 -4.27
C GLU A 74 27.98 33.59 -2.90
N TRP A 75 28.62 34.68 -2.47
CA TRP A 75 28.33 35.27 -1.17
C TRP A 75 26.87 35.68 -1.08
N TRP A 76 26.38 36.35 -2.12
CA TRP A 76 24.99 36.81 -2.12
C TRP A 76 23.99 35.67 -2.14
N LEU A 77 24.24 34.68 -2.98
CA LEU A 77 23.35 33.54 -3.08
C LEU A 77 23.19 32.85 -1.73
N LYS A 78 24.28 32.70 -0.99
CA LYS A 78 24.23 32.03 0.31
C LYS A 78 23.57 32.84 1.42
N THR A 79 24.04 34.07 1.61
CA THR A 79 23.50 34.93 2.67
C THR A 79 22.06 35.38 2.44
N ALA A 80 21.72 35.63 1.18
CA ALA A 80 20.36 36.07 0.85
C ALA A 80 19.35 34.93 0.78
N TYR A 81 19.77 33.77 0.30
CA TYR A 81 18.83 32.64 0.17
C TYR A 81 19.18 31.28 0.77
N LEU A 82 20.29 30.69 0.34
CA LEU A 82 20.68 29.36 0.82
C LEU A 82 20.84 29.26 2.32
N GLN A 83 21.29 30.33 2.96
CA GLN A 83 21.48 30.32 4.40
C GLN A 83 20.31 30.97 5.15
N PHE A 84 19.32 31.42 4.40
CA PHE A 84 18.13 32.02 5.02
C PHE A 84 17.25 30.83 5.40
N ARG A 85 17.11 30.58 6.69
CA ARG A 85 16.37 29.44 7.19
C ARG A 85 14.86 29.56 7.33
N GLN A 86 14.35 30.77 7.23
CA GLN A 86 12.91 30.95 7.34
C GLN A 86 12.25 30.25 6.16
N PRO A 87 10.96 29.93 6.28
CA PRO A 87 10.24 29.27 5.18
C PRO A 87 10.38 30.10 3.91
N VAL A 88 10.42 29.45 2.74
CA VAL A 88 10.51 30.23 1.51
C VAL A 88 9.16 30.88 1.21
N VAL A 89 8.09 30.24 1.67
CA VAL A 89 6.75 30.77 1.46
C VAL A 89 6.59 32.11 2.17
N ILE A 90 6.06 33.07 1.42
CA ILE A 90 5.84 34.43 1.92
C ILE A 90 7.12 35.21 2.21
N TYR A 91 8.05 34.61 2.96
CA TYR A 91 9.28 35.30 3.32
C TYR A 91 10.34 35.41 2.22
N SER A 92 10.23 34.60 1.18
CA SER A 92 11.23 34.62 0.11
C SER A 92 10.69 34.49 -1.33
N SER A 93 9.88 33.47 -1.57
CA SER A 93 9.32 33.23 -2.90
C SER A 93 8.24 34.25 -3.27
N PRO A 94 8.53 35.11 -4.27
CA PRO A 94 7.54 36.10 -4.68
C PRO A 94 6.34 35.46 -5.36
N GLY A 95 5.17 36.06 -5.19
CA GLY A 95 3.96 35.56 -5.80
C GLY A 95 3.60 36.47 -6.95
N VAL A 96 2.84 35.96 -7.92
CA VAL A 96 2.45 36.75 -9.07
C VAL A 96 0.99 36.53 -9.45
N ILE A 97 0.29 37.62 -9.73
CA ILE A 97 -1.10 37.55 -10.15
C ILE A 97 -1.14 37.94 -11.61
N LEU A 98 -1.59 37.03 -12.46
CA LEU A 98 -1.68 37.32 -13.89
C LEU A 98 -3.10 37.77 -14.22
N PRO A 99 -3.31 38.31 -15.43
CA PRO A 99 -4.66 38.76 -15.82
C PRO A 99 -5.65 37.60 -15.78
N LYS A 100 -6.81 37.85 -15.19
CA LYS A 100 -7.83 36.82 -15.07
C LYS A 100 -8.31 36.36 -16.45
N GLN A 101 -8.46 35.06 -16.63
CA GLN A 101 -8.91 34.50 -17.91
C GLN A 101 -10.43 34.35 -17.94
N ASP A 102 -10.97 34.18 -19.15
CA ASP A 102 -12.42 34.06 -19.32
C ASP A 102 -13.02 32.67 -19.32
N PHE A 103 -12.21 31.63 -19.11
CA PHE A 103 -12.76 30.29 -19.12
C PHE A 103 -13.82 30.13 -18.03
N VAL A 104 -14.91 29.43 -18.34
CA VAL A 104 -16.01 29.23 -17.40
C VAL A 104 -16.17 27.80 -16.91
N ASP A 105 -15.78 26.82 -17.72
CA ASP A 105 -15.88 25.42 -17.33
C ASP A 105 -14.51 24.76 -17.22
N LEU A 106 -14.48 23.59 -16.61
CA LEU A 106 -13.24 22.86 -16.42
C LEU A 106 -12.52 22.64 -17.75
N GLN A 107 -13.29 22.50 -18.83
CA GLN A 107 -12.70 22.29 -20.13
C GLN A 107 -11.87 23.50 -20.54
N GLY A 108 -12.41 24.69 -20.26
CA GLY A 108 -11.71 25.92 -20.59
C GLY A 108 -10.49 26.12 -19.71
N GLN A 109 -10.62 25.76 -18.44
CA GLN A 109 -9.54 25.89 -17.49
C GLN A 109 -8.33 25.10 -18.01
N LEU A 110 -8.57 23.85 -18.38
CA LEU A 110 -7.51 22.99 -18.89
C LEU A 110 -7.03 23.46 -20.26
N ARG A 111 -7.96 24.02 -21.03
CA ARG A 111 -7.64 24.53 -22.35
C ARG A 111 -6.61 25.65 -22.20
N PHE A 112 -6.83 26.51 -21.21
CA PHE A 112 -5.90 27.60 -20.95
C PHE A 112 -4.58 27.06 -20.42
N ALA A 113 -4.65 26.10 -19.51
CA ALA A 113 -3.45 25.50 -18.93
C ALA A 113 -2.58 24.89 -20.02
N ALA A 114 -3.21 24.18 -20.95
CA ALA A 114 -2.48 23.56 -22.06
C ALA A 114 -1.79 24.61 -22.91
N LYS A 115 -2.48 25.73 -23.13
CA LYS A 115 -1.95 26.82 -23.93
C LYS A 115 -0.75 27.43 -23.21
N LEU A 116 -0.89 27.55 -21.90
CA LEU A 116 0.16 28.10 -21.05
C LEU A 116 1.41 27.23 -21.11
N ILE A 117 1.22 25.92 -20.97
CA ILE A 117 2.33 24.97 -21.01
C ILE A 117 3.04 25.09 -22.35
N GLU A 118 2.27 25.13 -23.42
CA GLU A 118 2.83 25.24 -24.76
C GLU A 118 3.60 26.55 -24.88
N GLY A 119 3.04 27.62 -24.31
CA GLY A 119 3.71 28.91 -24.37
C GLY A 119 5.06 28.88 -23.68
N VAL A 120 5.13 28.21 -22.54
CA VAL A 120 6.38 28.12 -21.79
C VAL A 120 7.38 27.29 -22.58
N LEU A 121 6.92 26.19 -23.18
CA LEU A 121 7.79 25.33 -23.97
C LEU A 121 8.33 26.09 -25.18
N ASP A 122 7.55 27.07 -25.65
CA ASP A 122 7.97 27.86 -26.80
C ASP A 122 9.10 28.80 -26.37
N PHE A 123 8.96 29.37 -25.18
CA PHE A 123 9.98 30.28 -24.64
C PHE A 123 11.25 29.48 -24.39
N LYS A 124 11.08 28.26 -23.88
CA LYS A 124 12.20 27.39 -23.58
C LYS A 124 13.00 27.11 -24.86
N SER A 125 12.31 27.08 -25.99
CA SER A 125 12.96 26.82 -27.28
C SER A 125 14.14 27.78 -27.47
N MET A 126 13.90 29.06 -27.20
CA MET A 126 14.93 30.07 -27.35
C MET A 126 16.06 29.86 -26.36
N ILE A 127 15.71 29.34 -25.19
CA ILE A 127 16.71 29.07 -24.16
C ILE A 127 17.64 27.95 -24.61
N ASP A 128 17.07 26.81 -24.97
CA ASP A 128 17.86 25.67 -25.41
C ASP A 128 18.66 25.99 -26.67
N ASN A 129 18.14 26.88 -27.51
CA ASN A 129 18.82 27.25 -28.75
C ASN A 129 19.65 28.50 -28.61
N GLU A 130 19.70 29.05 -27.39
CA GLU A 130 20.47 30.26 -27.13
C GLU A 130 20.11 31.37 -28.10
N THR A 131 18.84 31.41 -28.51
CA THR A 131 18.38 32.42 -29.44
C THR A 131 17.63 33.53 -28.71
N LEU A 132 17.64 33.47 -27.39
CA LEU A 132 16.96 34.47 -26.58
C LEU A 132 17.56 35.85 -26.85
N PRO A 133 16.72 36.82 -27.28
CA PRO A 133 17.14 38.19 -27.59
C PRO A 133 17.95 38.85 -26.50
N VAL A 134 18.83 39.76 -26.91
CA VAL A 134 19.67 40.50 -25.98
C VAL A 134 18.90 41.67 -25.38
N GLU A 135 19.03 41.86 -24.08
CA GLU A 135 18.34 42.93 -23.39
C GLU A 135 19.31 44.03 -22.97
N PHE A 136 18.78 45.22 -22.73
CA PHE A 136 19.57 46.36 -22.28
C PHE A 136 18.86 47.09 -21.15
N LEU A 137 19.60 47.86 -20.37
CA LEU A 137 19.02 48.60 -19.27
C LEU A 137 19.42 50.06 -19.41
N GLY A 138 20.01 50.39 -20.56
CA GLY A 138 20.46 51.75 -20.80
C GLY A 138 21.68 51.75 -21.71
N GLY A 139 21.51 51.16 -22.89
CA GLY A 139 22.61 51.11 -23.85
C GLY A 139 23.70 50.16 -23.42
N GLN A 140 23.39 49.29 -22.45
CA GLN A 140 24.36 48.32 -21.95
C GLN A 140 23.77 46.91 -21.94
N PRO A 141 24.42 45.96 -22.64
CA PRO A 141 23.95 44.57 -22.71
C PRO A 141 23.85 43.97 -21.31
N LEU A 142 22.88 43.09 -21.11
CA LEU A 142 22.66 42.48 -19.82
C LEU A 142 22.93 40.99 -19.75
N CYS A 143 23.33 40.53 -18.57
CA CYS A 143 23.61 39.13 -18.32
C CYS A 143 22.34 38.33 -18.53
N MET A 144 22.46 37.17 -19.16
CA MET A 144 21.30 36.32 -19.44
C MET A 144 21.39 35.02 -18.65
N ASN A 145 22.34 34.94 -17.72
CA ASN A 145 22.51 33.73 -16.94
C ASN A 145 21.26 33.29 -16.19
N GLN A 146 20.52 34.25 -15.64
CA GLN A 146 19.31 33.91 -14.90
C GLN A 146 18.31 33.08 -15.69
N TYR A 147 18.25 33.30 -17.00
CA TYR A 147 17.32 32.55 -17.84
C TYR A 147 17.64 31.06 -17.91
N TYR A 148 18.89 30.70 -17.61
CA TYR A 148 19.30 29.30 -17.64
C TYR A 148 19.33 28.67 -16.25
N GLN A 149 18.53 29.24 -15.35
CA GLN A 149 18.46 28.76 -13.98
C GLN A 149 17.03 28.51 -13.54
N ILE A 150 16.08 29.08 -14.26
CA ILE A 150 14.66 28.98 -13.91
C ILE A 150 13.90 27.70 -14.31
N LEU A 151 14.28 27.10 -15.43
CA LEU A 151 13.61 25.89 -15.89
C LEU A 151 14.38 24.63 -15.50
N SER A 152 13.65 23.53 -15.30
CA SER A 152 14.25 22.24 -14.96
C SER A 152 15.17 22.35 -13.74
N SER A 153 14.78 23.17 -12.77
CA SER A 153 15.59 23.34 -11.57
C SER A 153 14.70 23.27 -10.33
N CYS A 154 15.33 23.16 -9.16
CA CYS A 154 14.61 23.08 -7.91
C CYS A 154 15.54 23.31 -6.75
N ARG A 155 14.98 23.80 -5.65
CA ARG A 155 15.76 24.03 -4.46
C ARG A 155 15.70 22.73 -3.68
N VAL A 156 16.76 22.44 -2.94
CA VAL A 156 16.85 21.22 -2.15
C VAL A 156 17.18 21.58 -0.70
N PRO A 157 16.35 21.10 0.25
CA PRO A 157 16.47 21.32 1.70
C PRO A 157 17.79 20.76 2.20
N GLY A 158 18.48 21.50 3.05
CA GLY A 158 19.74 21.03 3.59
C GLY A 158 19.74 21.29 5.09
N PRO A 159 20.35 20.41 5.90
CA PRO A 159 20.40 20.56 7.36
C PRO A 159 21.00 21.86 7.88
N LYS A 160 21.96 22.41 7.15
CA LYS A 160 22.59 23.65 7.58
C LYS A 160 22.28 24.76 6.59
N GLN A 161 22.41 24.47 5.30
CA GLN A 161 22.09 25.44 4.27
C GLN A 161 21.50 24.65 3.11
N ASP A 162 20.67 25.31 2.31
CA ASP A 162 20.04 24.64 1.19
C ASP A 162 20.93 24.63 -0.04
N SER A 163 20.50 23.92 -1.07
CA SER A 163 21.26 23.87 -2.31
C SER A 163 20.26 23.97 -3.44
N VAL A 164 20.76 24.03 -4.67
CA VAL A 164 19.92 24.10 -5.84
C VAL A 164 20.43 23.12 -6.89
N VAL A 165 19.49 22.47 -7.57
CA VAL A 165 19.82 21.54 -8.63
C VAL A 165 19.30 22.09 -9.96
N ASN A 166 20.11 21.96 -11.00
CA ASN A 166 19.79 22.47 -12.32
C ASN A 166 20.06 21.34 -13.32
N PHE A 167 19.01 20.83 -13.95
CA PHE A 167 19.15 19.73 -14.90
C PHE A 167 18.99 20.16 -16.36
N LEU A 168 18.83 21.46 -16.58
CA LEU A 168 18.67 21.99 -17.93
C LEU A 168 19.75 21.49 -18.90
N LYS A 169 21.01 21.54 -18.45
CA LYS A 169 22.13 21.13 -19.28
C LYS A 169 22.71 19.78 -18.89
N SER A 170 21.88 18.88 -18.37
CA SER A 170 22.34 17.56 -17.97
C SER A 170 22.49 16.68 -19.20
N LYS A 171 23.04 15.48 -19.01
CA LYS A 171 23.24 14.55 -20.11
C LYS A 171 21.96 14.32 -20.91
N ARG A 172 20.88 14.02 -20.18
CA ARG A 172 19.58 13.80 -20.79
C ARG A 172 18.56 14.76 -20.17
N PRO A 173 18.52 16.00 -20.66
CA PRO A 173 17.60 17.03 -20.16
C PRO A 173 16.18 16.52 -20.00
N PRO A 174 15.54 16.88 -18.87
CA PRO A 174 14.17 16.43 -18.62
C PRO A 174 13.24 16.92 -19.73
N THR A 175 12.29 16.07 -20.11
CA THR A 175 11.34 16.43 -21.17
C THR A 175 9.93 16.40 -20.62
N HIS A 176 9.81 16.40 -19.30
CA HIS A 176 8.50 16.35 -18.64
C HIS A 176 8.29 17.47 -17.65
N ILE A 177 7.03 17.83 -17.43
CA ILE A 177 6.70 18.85 -16.44
C ILE A 177 5.94 18.09 -15.36
N THR A 178 5.55 18.77 -14.30
CA THR A 178 4.75 18.13 -13.26
C THR A 178 3.46 18.91 -13.11
N VAL A 179 2.37 18.20 -12.90
CA VAL A 179 1.04 18.79 -12.73
C VAL A 179 0.50 18.37 -11.38
N VAL A 180 -0.01 19.34 -10.62
CA VAL A 180 -0.56 19.06 -9.30
C VAL A 180 -2.06 19.37 -9.26
N HIS A 181 -2.86 18.37 -8.91
CA HIS A 181 -4.31 18.51 -8.82
C HIS A 181 -4.79 17.80 -7.56
N ASN A 182 -5.48 18.52 -6.70
CA ASN A 182 -5.98 17.98 -5.45
C ASN A 182 -4.86 17.32 -4.66
N TYR A 183 -3.72 17.99 -4.59
CA TYR A 183 -2.55 17.52 -3.84
C TYR A 183 -1.80 16.36 -4.49
N GLN A 184 -2.25 15.89 -5.63
CA GLN A 184 -1.58 14.77 -6.29
C GLN A 184 -0.71 15.23 -7.45
N PHE A 185 0.54 14.77 -7.45
CA PHE A 185 1.49 15.14 -8.49
C PHE A 185 1.55 14.10 -9.62
N PHE A 186 1.65 14.59 -10.84
CA PHE A 186 1.71 13.73 -12.01
C PHE A 186 2.87 14.13 -12.91
N GLU A 187 3.57 13.12 -13.41
CA GLU A 187 4.68 13.33 -14.32
C GLU A 187 4.14 13.30 -15.74
N LEU A 188 4.27 14.43 -16.45
CA LEU A 188 3.77 14.54 -17.81
C LEU A 188 4.82 14.94 -18.85
N ASP A 189 5.01 14.10 -19.86
CA ASP A 189 5.97 14.41 -20.91
C ASP A 189 5.32 15.39 -21.88
N VAL A 190 6.07 16.42 -22.26
CA VAL A 190 5.56 17.44 -23.17
C VAL A 190 6.33 17.45 -24.48
N TYR A 191 7.06 16.37 -24.72
CA TYR A 191 7.86 16.20 -25.93
C TYR A 191 7.65 14.81 -26.52
N HIS A 192 7.68 14.73 -27.85
CA HIS A 192 7.52 13.46 -28.55
C HIS A 192 8.86 12.76 -28.66
N SER A 193 8.84 11.56 -29.25
CA SER A 193 10.05 10.78 -29.43
C SER A 193 11.05 11.51 -30.30
N ASP A 194 10.58 11.99 -31.46
CA ASP A 194 11.43 12.71 -32.40
C ASP A 194 12.04 13.96 -31.76
N GLY A 195 11.45 14.41 -30.67
CA GLY A 195 11.95 15.59 -29.99
C GLY A 195 11.08 16.82 -30.16
N THR A 196 9.96 16.67 -30.87
CA THR A 196 9.06 17.79 -31.08
C THR A 196 8.16 17.97 -29.87
N PRO A 197 7.76 19.21 -29.57
CA PRO A 197 6.89 19.50 -28.42
C PRO A 197 5.43 19.17 -28.69
N LEU A 198 4.72 18.73 -27.66
CA LEU A 198 3.30 18.42 -27.82
C LEU A 198 2.55 19.70 -28.11
N THR A 199 1.39 19.58 -28.76
CA THR A 199 0.57 20.73 -29.09
C THR A 199 -0.42 21.01 -27.96
N SER A 200 -0.98 22.20 -27.95
CA SER A 200 -1.95 22.59 -26.93
C SER A 200 -3.06 21.56 -26.82
N ASP A 201 -3.53 21.06 -27.97
CA ASP A 201 -4.60 20.07 -27.99
C ASP A 201 -4.12 18.76 -27.36
N GLN A 202 -2.91 18.36 -27.68
CA GLN A 202 -2.35 17.13 -27.12
C GLN A 202 -2.18 17.27 -25.62
N ILE A 203 -1.56 18.36 -25.19
CA ILE A 203 -1.36 18.59 -23.76
C ILE A 203 -2.71 18.56 -23.04
N PHE A 204 -3.72 19.16 -23.67
CA PHE A 204 -5.08 19.20 -23.11
C PHE A 204 -5.61 17.80 -22.81
N VAL A 205 -5.52 16.92 -23.80
CA VAL A 205 -6.00 15.54 -23.65
C VAL A 205 -5.35 14.89 -22.43
N GLN A 206 -4.07 15.15 -22.25
CA GLN A 206 -3.31 14.60 -21.12
C GLN A 206 -3.77 15.19 -19.80
N LEU A 207 -3.99 16.50 -19.78
CA LEU A 207 -4.43 17.17 -18.56
C LEU A 207 -5.79 16.62 -18.15
N GLU A 208 -6.57 16.19 -19.13
CA GLU A 208 -7.89 15.64 -18.89
C GLU A 208 -7.74 14.33 -18.13
N LYS A 209 -6.80 13.49 -18.56
CA LYS A 209 -6.54 12.22 -17.89
C LYS A 209 -6.08 12.49 -16.47
N ILE A 210 -5.15 13.43 -16.34
CA ILE A 210 -4.60 13.80 -15.04
C ILE A 210 -5.71 14.24 -14.08
N TRP A 211 -6.60 15.11 -14.55
CA TRP A 211 -7.69 15.59 -13.72
C TRP A 211 -8.58 14.47 -13.23
N ASN A 212 -8.91 13.54 -14.11
CA ASN A 212 -9.78 12.42 -13.74
C ASN A 212 -9.09 11.39 -12.85
N SER A 213 -7.76 11.44 -12.80
CA SER A 213 -6.99 10.52 -11.98
C SER A 213 -6.80 11.05 -10.56
N SER A 214 -7.42 12.19 -10.28
CA SER A 214 -7.31 12.81 -8.97
C SER A 214 -8.53 13.70 -8.74
N LEU A 215 -9.71 13.12 -8.94
CA LEU A 215 -10.98 13.83 -8.78
C LEU A 215 -11.27 14.24 -7.34
N GLN A 216 -10.71 13.51 -6.38
CA GLN A 216 -10.94 13.80 -4.97
C GLN A 216 -9.65 14.14 -4.23
N SER A 217 -9.77 14.90 -3.15
CA SER A 217 -8.62 15.28 -2.34
C SER A 217 -8.54 14.33 -1.15
N ASN A 218 -8.24 13.06 -1.43
CA ASN A 218 -8.14 12.04 -0.39
C ASN A 218 -6.71 11.70 -0.03
N LYS A 219 -5.76 12.21 -0.82
CA LYS A 219 -4.35 11.95 -0.55
C LYS A 219 -3.79 13.00 0.41
N GLU A 220 -2.75 12.63 1.13
CA GLU A 220 -2.12 13.56 2.06
C GLU A 220 -1.43 14.66 1.26
N PRO A 221 -1.52 15.92 1.74
CA PRO A 221 -0.90 17.05 1.07
C PRO A 221 0.60 17.13 1.34
N VAL A 222 1.32 16.09 0.94
CA VAL A 222 2.77 16.02 1.15
C VAL A 222 3.49 17.30 0.73
N GLY A 223 3.01 17.90 -0.35
CA GLY A 223 3.63 19.12 -0.83
C GLY A 223 3.64 20.27 0.17
N ILE A 224 2.76 20.21 1.15
CA ILE A 224 2.71 21.28 2.13
C ILE A 224 3.96 21.29 3.01
N LEU A 225 4.69 20.18 3.01
CA LEU A 225 5.91 20.07 3.82
C LEU A 225 6.93 21.13 3.39
N THR A 226 6.92 21.44 2.10
CA THR A 226 7.83 22.42 1.52
C THR A 226 7.64 23.85 2.00
N SER A 227 6.57 24.10 2.74
CA SER A 227 6.29 25.45 3.24
C SER A 227 6.79 25.69 4.66
N ASN A 228 7.39 24.68 5.27
CA ASN A 228 7.87 24.80 6.64
C ASN A 228 9.27 25.39 6.75
N HIS A 229 9.71 25.65 7.98
CA HIS A 229 11.04 26.22 8.24
C HIS A 229 12.07 25.34 7.52
N ARG A 230 13.09 25.93 6.93
CA ARG A 230 14.08 25.15 6.18
C ARG A 230 14.77 24.05 6.99
N ASN A 231 15.03 24.32 8.26
CA ASN A 231 15.67 23.31 9.08
C ASN A 231 14.73 22.13 9.28
N THR A 232 13.48 22.44 9.57
CA THR A 232 12.45 21.43 9.80
C THR A 232 12.18 20.63 8.53
N TRP A 233 12.04 21.33 7.41
CA TRP A 233 11.79 20.71 6.12
C TRP A 233 13.00 19.83 5.73
N ALA A 234 14.21 20.26 6.06
CA ALA A 234 15.40 19.48 5.73
C ALA A 234 15.32 18.07 6.34
N LYS A 235 14.91 18.00 7.60
CA LYS A 235 14.80 16.71 8.27
C LYS A 235 13.59 15.92 7.78
N ALA A 236 12.46 16.59 7.55
CA ALA A 236 11.28 15.89 7.07
C ALA A 236 11.56 15.37 5.67
N TYR A 237 12.31 16.15 4.90
CA TYR A 237 12.65 15.79 3.52
C TYR A 237 13.54 14.56 3.48
N ASN A 238 14.55 14.53 4.34
CA ASN A 238 15.46 13.41 4.40
C ASN A 238 14.72 12.12 4.74
N ASN A 239 13.74 12.22 5.64
CA ASN A 239 12.96 11.04 6.02
C ASN A 239 12.02 10.64 4.90
N LEU A 240 11.36 11.63 4.32
CA LEU A 240 10.42 11.41 3.23
C LEU A 240 10.99 10.57 2.09
N ILE A 241 12.22 10.88 1.67
CA ILE A 241 12.83 10.15 0.56
C ILE A 241 13.50 8.83 0.89
N LYS A 242 13.31 8.34 2.10
CA LYS A 242 13.89 7.06 2.48
C LYS A 242 13.18 5.94 1.73
N ASP A 243 11.93 6.17 1.37
CA ASP A 243 11.15 5.19 0.62
C ASP A 243 11.48 5.32 -0.87
N LYS A 244 11.72 4.18 -1.52
CA LYS A 244 12.06 4.16 -2.93
C LYS A 244 11.04 4.92 -3.79
N VAL A 245 9.76 4.65 -3.56
CA VAL A 245 8.69 5.30 -4.30
C VAL A 245 8.70 6.80 -4.05
N ASN A 246 8.75 7.18 -2.78
CA ASN A 246 8.77 8.60 -2.42
C ASN A 246 9.96 9.29 -3.09
N ARG A 247 11.15 8.72 -2.92
CA ARG A 247 12.35 9.29 -3.52
C ARG A 247 12.18 9.46 -5.02
N GLU A 248 11.55 8.47 -5.65
CA GLU A 248 11.33 8.51 -7.08
C GLU A 248 10.39 9.66 -7.47
N SER A 249 9.34 9.86 -6.67
CA SER A 249 8.37 10.92 -6.92
C SER A 249 8.99 12.29 -6.74
N VAL A 250 9.72 12.48 -5.65
CA VAL A 250 10.37 13.75 -5.39
C VAL A 250 11.35 14.05 -6.52
N ASN A 251 12.08 13.03 -6.96
CA ASN A 251 13.06 13.21 -8.01
C ASN A 251 12.45 13.74 -9.30
N SER A 252 11.28 13.21 -9.67
CA SER A 252 10.60 13.66 -10.88
C SER A 252 10.20 15.12 -10.73
N ILE A 253 9.70 15.47 -9.56
CA ILE A 253 9.30 16.84 -9.28
C ILE A 253 10.48 17.80 -9.43
N GLN A 254 11.61 17.46 -8.84
CA GLN A 254 12.79 18.31 -8.91
C GLN A 254 13.31 18.49 -10.32
N LYS A 255 13.28 17.40 -11.11
CA LYS A 255 13.77 17.47 -12.47
C LYS A 255 12.80 18.05 -13.50
N SER A 256 11.50 18.01 -13.19
CA SER A 256 10.50 18.54 -14.12
C SER A 256 10.84 19.96 -14.59
N ILE A 257 10.56 20.24 -15.87
CA ILE A 257 10.85 21.55 -16.46
C ILE A 257 10.22 22.67 -15.63
N PHE A 258 9.00 22.43 -15.17
CA PHE A 258 8.27 23.37 -14.34
C PHE A 258 7.00 22.70 -13.83
N THR A 259 6.34 23.32 -12.86
CA THR A 259 5.13 22.75 -12.28
C THR A 259 3.88 23.57 -12.55
N VAL A 260 2.80 22.88 -12.89
CA VAL A 260 1.52 23.52 -13.16
C VAL A 260 0.55 23.10 -12.06
N CYS A 261 -0.03 24.07 -11.39
CA CYS A 261 -0.96 23.80 -10.31
C CYS A 261 -2.39 24.07 -10.76
N LEU A 262 -3.22 23.04 -10.73
CA LEU A 262 -4.63 23.15 -11.11
C LEU A 262 -5.40 23.29 -9.80
N ASP A 263 -5.64 24.52 -9.38
CA ASP A 263 -6.35 24.79 -8.13
C ASP A 263 -7.84 24.51 -8.23
N LYS A 264 -8.44 24.17 -7.10
CA LYS A 264 -9.86 23.87 -7.06
C LYS A 264 -10.66 25.07 -6.56
N GLN A 265 -11.98 24.96 -6.65
CA GLN A 265 -12.87 26.02 -6.22
C GLN A 265 -12.69 26.34 -4.74
N VAL A 266 -12.68 27.63 -4.42
CA VAL A 266 -12.52 28.09 -3.05
C VAL A 266 -13.74 28.92 -2.63
N PRO A 267 -14.03 28.99 -1.31
CA PRO A 267 -15.15 29.75 -0.77
C PRO A 267 -15.21 31.17 -1.31
N ARG A 268 -16.30 31.49 -2.01
CA ARG A 268 -16.48 32.82 -2.57
C ARG A 268 -16.35 33.85 -1.46
N VAL A 269 -15.64 34.95 -1.73
CA VAL A 269 -15.45 35.99 -0.73
C VAL A 269 -15.94 37.34 -1.24
N SER A 270 -16.05 38.30 -0.32
CA SER A 270 -16.50 39.64 -0.68
C SER A 270 -15.64 40.23 -1.79
N ASP A 271 -16.29 40.86 -2.76
CA ASP A 271 -15.61 41.45 -3.91
C ASP A 271 -14.56 42.47 -3.53
N ASP A 272 -14.77 43.15 -2.39
CA ASP A 272 -13.83 44.16 -1.92
C ASP A 272 -12.50 43.61 -1.43
N VAL A 273 -12.43 42.30 -1.20
CA VAL A 273 -11.19 41.69 -0.73
C VAL A 273 -10.79 40.51 -1.62
N TYR A 274 -11.51 40.36 -2.73
CA TYR A 274 -11.24 39.29 -3.68
C TYR A 274 -9.78 39.26 -4.14
N ARG A 275 -9.33 40.36 -4.72
CA ARG A 275 -7.97 40.47 -5.22
C ARG A 275 -6.93 40.12 -4.15
N ASN A 276 -7.16 40.55 -2.91
CA ASN A 276 -6.24 40.24 -1.83
C ASN A 276 -6.18 38.74 -1.59
N HIS A 277 -7.32 38.06 -1.73
CA HIS A 277 -7.36 36.61 -1.53
C HIS A 277 -6.67 35.87 -2.66
N VAL A 278 -6.84 36.35 -3.88
CA VAL A 278 -6.20 35.71 -5.02
C VAL A 278 -4.68 35.85 -4.81
N ALA A 279 -4.27 37.00 -4.31
CA ALA A 279 -2.85 37.25 -4.05
C ALA A 279 -2.35 36.22 -3.06
N GLY A 280 -3.16 35.95 -2.04
CA GLY A 280 -2.79 34.96 -1.04
C GLY A 280 -2.71 33.58 -1.67
N GLN A 281 -3.64 33.31 -2.58
CA GLN A 281 -3.65 32.01 -3.26
C GLN A 281 -2.33 31.80 -3.99
N MET A 282 -1.86 32.82 -4.67
CA MET A 282 -0.63 32.72 -5.44
C MET A 282 0.63 32.74 -4.58
N LEU A 283 0.58 33.44 -3.46
CA LEU A 283 1.74 33.52 -2.57
C LEU A 283 1.94 32.31 -1.67
N HIS A 284 0.87 31.81 -1.04
CA HIS A 284 0.98 30.67 -0.14
C HIS A 284 -0.04 29.55 -0.34
N GLY A 285 -1.07 29.81 -1.13
CA GLY A 285 -2.06 28.78 -1.37
C GLY A 285 -3.38 28.95 -0.62
N GLY A 286 -3.42 29.86 0.34
CA GLY A 286 -4.65 30.07 1.09
C GLY A 286 -4.79 29.29 2.38
N GLY A 287 -4.11 28.16 2.48
CA GLY A 287 -4.18 27.35 3.68
C GLY A 287 -4.25 25.87 3.37
N SER A 288 -4.07 25.02 4.38
CA SER A 288 -4.10 23.57 4.17
C SER A 288 -5.49 23.07 3.78
N LYS A 289 -6.49 23.92 3.97
CA LYS A 289 -7.85 23.56 3.64
C LYS A 289 -8.20 23.95 2.21
N PHE A 290 -7.31 24.68 1.55
CA PHE A 290 -7.59 25.12 0.19
C PHE A 290 -6.62 24.65 -0.90
N ASN A 291 -5.61 25.45 -1.19
CA ASN A 291 -4.67 25.08 -2.23
C ASN A 291 -3.18 25.01 -1.84
N SER A 292 -2.87 25.33 -0.59
CA SER A 292 -1.48 25.29 -0.13
C SER A 292 -0.82 23.91 -0.27
N GLY A 293 -1.62 22.85 -0.23
CA GLY A 293 -1.09 21.51 -0.35
C GLY A 293 -0.91 21.08 -1.79
N ASN A 294 -1.46 21.86 -2.71
CA ASN A 294 -1.38 21.58 -4.14
C ASN A 294 -0.19 22.35 -4.74
N ARG A 295 0.98 22.21 -4.11
CA ARG A 295 2.18 22.91 -4.55
C ARG A 295 3.45 22.25 -4.03
N TRP A 296 4.59 22.68 -4.54
CA TRP A 296 5.90 22.19 -4.12
C TRP A 296 6.76 23.46 -4.18
N PHE A 297 6.82 24.16 -3.06
CA PHE A 297 7.53 25.43 -3.00
C PHE A 297 9.04 25.44 -3.23
N ASP A 298 9.64 24.26 -3.37
CA ASP A 298 11.07 24.20 -3.64
C ASP A 298 11.26 24.40 -5.14
N LYS A 299 10.21 24.08 -5.90
CA LYS A 299 10.26 24.20 -7.35
C LYS A 299 10.45 25.64 -7.81
N THR A 300 11.44 25.84 -8.67
CA THR A 300 11.74 27.18 -9.15
C THR A 300 10.52 27.88 -9.77
N LEU A 301 9.87 27.23 -10.71
CA LEU A 301 8.71 27.83 -11.37
C LEU A 301 7.40 27.09 -11.15
N GLN A 302 6.43 27.76 -10.57
CA GLN A 302 5.11 27.16 -10.36
C GLN A 302 4.06 28.06 -10.98
N PHE A 303 3.34 27.53 -11.97
CA PHE A 303 2.27 28.29 -12.61
C PHE A 303 0.97 27.78 -12.01
N ILE A 304 0.13 28.70 -11.58
CA ILE A 304 -1.14 28.34 -10.95
C ILE A 304 -2.34 28.74 -11.81
N VAL A 305 -3.27 27.81 -11.99
CA VAL A 305 -4.48 28.06 -12.77
C VAL A 305 -5.70 27.70 -11.92
N ALA A 306 -6.34 28.74 -11.39
CA ALA A 306 -7.52 28.55 -10.56
C ALA A 306 -8.69 28.13 -11.43
N GLU A 307 -9.77 27.67 -10.79
CA GLU A 307 -10.93 27.23 -11.55
C GLU A 307 -11.93 28.36 -11.80
N ASP A 308 -11.73 29.51 -11.14
CA ASP A 308 -12.64 30.63 -11.32
C ASP A 308 -12.14 31.63 -12.34
N GLY A 309 -11.05 31.28 -13.03
CA GLY A 309 -10.49 32.17 -14.03
C GLY A 309 -9.19 32.80 -13.58
N SER A 310 -8.96 32.86 -12.29
CA SER A 310 -7.74 33.45 -11.76
C SER A 310 -6.51 32.61 -12.07
N CYS A 311 -5.40 33.27 -12.31
CA CYS A 311 -4.16 32.55 -12.58
C CYS A 311 -2.97 33.40 -12.16
N GLY A 312 -1.83 32.73 -11.95
CA GLY A 312 -0.64 33.44 -11.53
C GLY A 312 0.48 32.46 -11.32
N MET A 313 1.39 32.77 -10.43
CA MET A 313 2.51 31.89 -10.18
C MET A 313 3.28 32.31 -8.94
N VAL A 314 4.22 31.47 -8.56
CA VAL A 314 5.08 31.73 -7.41
C VAL A 314 6.40 31.09 -7.81
N TYR A 315 7.51 31.78 -7.59
CA TYR A 315 8.80 31.22 -7.98
C TYR A 315 9.81 31.27 -6.85
N GLU A 316 10.70 30.28 -6.82
CA GLU A 316 11.74 30.19 -5.80
C GLU A 316 12.82 31.22 -6.18
N HIS A 317 13.03 32.18 -5.28
CA HIS A 317 13.97 33.29 -5.48
C HIS A 317 15.45 33.03 -5.69
N ALA A 318 15.98 31.91 -5.21
CA ALA A 318 17.41 31.67 -5.39
C ALA A 318 17.81 31.70 -6.86
N ALA A 319 16.89 31.30 -7.73
CA ALA A 319 17.15 31.24 -9.17
C ALA A 319 17.28 32.56 -9.93
N ALA A 320 16.43 33.54 -9.62
CA ALA A 320 16.47 34.79 -10.36
C ALA A 320 15.67 35.91 -9.75
N GLU A 321 15.67 37.05 -10.43
CA GLU A 321 14.90 38.22 -10.03
C GLU A 321 13.63 38.26 -10.87
N GLY A 322 12.79 39.24 -10.62
CA GLY A 322 11.55 39.38 -11.34
C GLY A 322 11.64 39.60 -12.85
N PRO A 323 12.50 40.50 -13.32
CA PRO A 323 12.63 40.76 -14.77
C PRO A 323 12.65 39.52 -15.66
N PRO A 324 13.59 38.58 -15.42
CA PRO A 324 13.64 37.38 -16.27
C PRO A 324 12.31 36.63 -16.21
N ILE A 325 11.74 36.56 -15.01
CA ILE A 325 10.46 35.88 -14.80
C ILE A 325 9.34 36.52 -15.64
N VAL A 326 9.20 37.84 -15.56
CA VAL A 326 8.17 38.52 -16.32
C VAL A 326 8.41 38.44 -17.81
N ALA A 327 9.67 38.43 -18.22
CA ALA A 327 9.98 38.31 -19.64
C ALA A 327 9.35 37.00 -20.11
N LEU A 328 9.47 35.97 -19.27
CA LEU A 328 8.90 34.67 -19.59
C LEU A 328 7.36 34.80 -19.60
N VAL A 329 6.82 35.52 -18.63
CA VAL A 329 5.38 35.74 -18.53
C VAL A 329 4.83 36.48 -19.74
N ASP A 330 5.46 37.59 -20.11
CA ASP A 330 5.00 38.37 -21.25
C ASP A 330 4.95 37.52 -22.51
N HIS A 331 5.92 36.63 -22.67
CA HIS A 331 5.95 35.76 -23.84
C HIS A 331 4.83 34.73 -23.80
N VAL A 332 4.72 34.03 -22.69
CA VAL A 332 3.70 33.00 -22.51
C VAL A 332 2.29 33.57 -22.64
N MET A 333 2.02 34.66 -21.92
CA MET A 333 0.70 35.28 -21.97
C MET A 333 0.34 35.71 -23.39
N GLU A 334 1.28 36.35 -24.07
CA GLU A 334 1.04 36.78 -25.45
C GLU A 334 0.83 35.57 -26.34
N TYR A 335 1.39 34.44 -25.94
CA TYR A 335 1.26 33.20 -26.71
C TYR A 335 -0.12 32.59 -26.56
N THR A 336 -0.68 32.69 -25.35
CA THR A 336 -2.01 32.15 -25.06
C THR A 336 -3.07 32.90 -25.84
N LYS A 337 -2.67 34.00 -26.47
CA LYS A 337 -3.60 34.81 -27.24
C LYS A 337 -3.48 34.53 -28.74
N LYS A 338 -2.51 33.70 -29.11
CA LYS A 338 -2.30 33.35 -30.51
C LYS A 338 -3.48 32.52 -31.02
N PRO A 339 -4.10 32.96 -32.12
CA PRO A 339 -5.24 32.25 -32.70
C PRO A 339 -4.92 30.78 -32.98
N GLU A 340 -5.96 30.01 -33.30
CA GLU A 340 -5.79 28.58 -33.59
C GLU A 340 -5.65 28.38 -35.09
N LEU A 341 -5.27 27.16 -35.48
CA LEU A 341 -5.09 26.83 -36.89
C LEU A 341 -5.51 25.39 -37.18
N VAL A 342 -4.63 24.64 -37.84
CA VAL A 342 -4.90 23.25 -38.18
C VAL A 342 -5.08 22.37 -36.95
N ARG A 343 -6.34 22.13 -36.59
CA ARG A 343 -6.67 21.30 -35.44
C ARG A 343 -6.82 19.85 -35.88
N SER A 344 -5.84 19.36 -36.63
CA SER A 344 -5.84 17.98 -37.13
C SER A 344 -5.94 16.98 -35.99
N PRO A 345 -6.43 15.77 -36.27
CA PRO A 345 -6.56 14.72 -35.25
C PRO A 345 -5.21 14.24 -34.75
N MET A 346 -5.14 13.89 -33.47
CA MET A 346 -3.90 13.41 -32.88
C MET A 346 -4.01 11.98 -32.39
N VAL A 347 -2.94 11.21 -32.59
CA VAL A 347 -2.89 9.81 -32.17
C VAL A 347 -2.86 9.66 -30.66
N PRO A 348 -3.32 8.52 -30.15
CA PRO A 348 -3.34 8.24 -28.71
C PRO A 348 -2.04 8.60 -28.01
N LEU A 349 -2.15 8.94 -26.74
CA LEU A 349 -1.00 9.33 -25.94
C LEU A 349 -0.92 8.46 -24.68
N PRO A 350 0.27 8.33 -24.11
CA PRO A 350 0.45 7.52 -22.89
C PRO A 350 -0.22 8.16 -21.68
N MET A 351 -0.49 7.34 -20.66
CA MET A 351 -1.11 7.84 -19.44
C MET A 351 -0.05 8.46 -18.55
N PRO A 352 -0.24 9.74 -18.18
CA PRO A 352 0.72 10.43 -17.31
C PRO A 352 0.97 9.64 -16.04
N LYS A 353 2.23 9.48 -15.68
CA LYS A 353 2.59 8.72 -14.49
C LYS A 353 2.19 9.44 -13.21
N LYS A 354 1.51 8.72 -12.32
CA LYS A 354 1.09 9.30 -11.06
C LYS A 354 2.22 9.11 -10.05
N LEU A 355 2.73 10.22 -9.54
CA LEU A 355 3.82 10.19 -8.57
C LEU A 355 3.27 9.89 -7.17
N ARG A 356 3.14 8.60 -6.87
CA ARG A 356 2.62 8.16 -5.57
C ARG A 356 3.52 8.56 -4.41
N PHE A 357 2.92 8.59 -3.22
CA PHE A 357 3.64 8.91 -1.99
C PHE A 357 3.19 7.97 -0.87
N ASN A 358 4.11 7.14 -0.39
CA ASN A 358 3.80 6.21 0.68
C ASN A 358 3.90 6.97 2.00
N ILE A 359 2.75 7.17 2.63
CA ILE A 359 2.69 7.90 3.90
C ILE A 359 2.87 6.98 5.11
N THR A 360 3.61 7.47 6.09
CA THR A 360 3.84 6.71 7.31
C THR A 360 3.43 7.60 8.47
N PRO A 361 3.35 7.03 9.69
CA PRO A 361 2.97 7.81 10.86
C PRO A 361 3.89 9.03 11.06
N GLU A 362 5.17 8.85 10.75
CA GLU A 362 6.16 9.91 10.91
C GLU A 362 5.92 11.03 9.90
N ILE A 363 5.68 10.64 8.65
CA ILE A 363 5.42 11.60 7.59
C ILE A 363 4.14 12.36 7.92
N LYS A 364 3.09 11.61 8.25
CA LYS A 364 1.80 12.21 8.60
C LYS A 364 2.00 13.28 9.67
N ASN A 365 2.83 12.99 10.66
CA ASN A 365 3.07 13.95 11.72
C ASN A 365 3.75 15.20 11.16
N ASP A 366 4.71 15.01 10.26
CA ASP A 366 5.41 16.14 9.66
C ASP A 366 4.44 17.01 8.88
N ILE A 367 3.54 16.37 8.15
CA ILE A 367 2.54 17.09 7.36
C ILE A 367 1.66 17.94 8.28
N GLU A 368 1.24 17.35 9.39
CA GLU A 368 0.41 18.06 10.35
C GLU A 368 1.16 19.24 10.96
N LYS A 369 2.44 19.05 11.27
CA LYS A 369 3.25 20.11 11.84
C LYS A 369 3.37 21.23 10.80
N ALA A 370 3.46 20.83 9.54
CA ALA A 370 3.58 21.80 8.45
C ALA A 370 2.29 22.61 8.32
N LYS A 371 1.15 21.94 8.47
CA LYS A 371 -0.15 22.64 8.38
C LYS A 371 -0.23 23.73 9.44
N GLN A 372 0.11 23.36 10.67
CA GLN A 372 0.08 24.30 11.79
C GLN A 372 1.01 25.48 11.56
N ASN A 373 2.23 25.21 11.10
CA ASN A 373 3.18 26.28 10.85
C ASN A 373 2.60 27.27 9.84
N LEU A 374 2.12 26.76 8.71
CA LEU A 374 1.56 27.58 7.65
C LEU A 374 0.36 28.43 8.10
N SER A 375 -0.46 27.87 8.98
CA SER A 375 -1.63 28.57 9.50
C SER A 375 -1.19 29.83 10.22
N ILE A 376 -0.16 29.69 11.05
CA ILE A 376 0.39 30.80 11.79
C ILE A 376 0.93 31.84 10.82
N MET A 377 1.66 31.38 9.82
CA MET A 377 2.24 32.27 8.81
C MET A 377 1.15 33.07 8.10
N ILE A 378 0.18 32.35 7.57
CA ILE A 378 -0.93 32.97 6.85
C ILE A 378 -1.69 33.97 7.69
N GLN A 379 -2.13 33.55 8.87
CA GLN A 379 -2.89 34.45 9.75
C GLN A 379 -2.13 35.72 10.10
N ASP A 380 -0.81 35.66 10.10
CA ASP A 380 -0.03 36.83 10.45
C ASP A 380 0.22 37.77 9.27
N LEU A 381 -0.11 37.33 8.06
CA LEU A 381 0.10 38.14 6.85
C LEU A 381 -1.04 39.10 6.51
N ASP A 382 -0.68 40.37 6.30
CA ASP A 382 -1.65 41.41 5.97
C ASP A 382 -1.37 41.94 4.58
N ILE A 383 -2.20 41.54 3.62
CA ILE A 383 -2.00 41.99 2.24
C ILE A 383 -3.09 42.93 1.73
N MET A 384 -2.67 43.95 1.00
CA MET A 384 -3.58 44.90 0.38
C MET A 384 -3.10 45.19 -1.03
N MET A 385 -3.93 44.85 -1.99
CA MET A 385 -3.61 45.07 -3.40
C MET A 385 -4.27 46.38 -3.81
N LEU A 386 -3.52 47.24 -4.49
CA LEU A 386 -4.05 48.52 -4.94
C LEU A 386 -3.79 48.79 -6.42
N THR A 387 -4.86 48.97 -7.18
CA THR A 387 -4.73 49.28 -8.60
C THR A 387 -4.88 50.79 -8.69
N PHE A 388 -3.77 51.48 -8.96
CA PHE A 388 -3.74 52.92 -9.09
C PHE A 388 -4.18 53.25 -10.50
N HIS A 389 -5.45 53.59 -10.69
CA HIS A 389 -5.99 53.90 -12.01
C HIS A 389 -5.84 55.36 -12.43
N HIS A 390 -5.63 56.24 -11.47
CA HIS A 390 -5.51 57.67 -11.71
C HIS A 390 -4.51 58.02 -12.81
N PHE A 391 -3.35 57.38 -12.78
CA PHE A 391 -2.33 57.60 -13.80
C PHE A 391 -1.21 56.58 -13.68
N GLY A 392 -0.25 56.66 -14.60
CA GLY A 392 0.86 55.74 -14.59
C GLY A 392 2.14 56.48 -14.94
N LYS A 393 2.99 55.86 -15.73
CA LYS A 393 4.23 56.52 -16.12
C LYS A 393 3.94 57.77 -16.93
N ASP A 394 2.74 57.83 -17.51
CA ASP A 394 2.37 58.97 -18.34
C ASP A 394 2.53 60.35 -17.69
N PHE A 395 2.03 60.53 -16.47
CA PHE A 395 2.14 61.84 -15.83
C PHE A 395 3.59 62.22 -15.52
N PRO A 396 4.31 61.38 -14.76
CA PRO A 396 5.71 61.70 -14.44
C PRO A 396 6.53 62.04 -15.69
N LYS A 397 6.34 61.26 -16.75
CA LYS A 397 7.08 61.51 -17.98
C LYS A 397 6.74 62.89 -18.57
N SER A 398 5.47 63.27 -18.54
CA SER A 398 5.08 64.58 -19.06
C SER A 398 5.74 65.68 -18.22
N GLU A 399 6.05 65.35 -16.97
CA GLU A 399 6.69 66.32 -16.09
C GLU A 399 8.22 66.25 -16.20
N LYS A 400 8.71 65.40 -17.10
CA LYS A 400 10.15 65.23 -17.30
C LYS A 400 10.74 64.65 -16.02
N LEU A 401 10.01 63.73 -15.41
CA LEU A 401 10.48 63.09 -14.18
C LEU A 401 10.44 61.58 -14.33
N SER A 402 11.38 60.91 -13.70
CA SER A 402 11.46 59.45 -13.75
C SER A 402 10.25 58.88 -13.00
N PRO A 403 9.46 58.03 -13.66
CA PRO A 403 8.29 57.42 -13.00
C PRO A 403 8.67 56.66 -11.75
N ASP A 404 9.69 55.80 -11.85
CA ASP A 404 10.12 55.04 -10.68
C ASP A 404 10.50 55.94 -9.52
N ALA A 405 11.27 56.99 -9.80
CA ALA A 405 11.68 57.90 -8.73
C ALA A 405 10.46 58.64 -8.19
N PHE A 406 9.52 58.96 -9.08
CA PHE A 406 8.30 59.65 -8.68
C PHE A 406 7.53 58.79 -7.67
N ILE A 407 7.43 57.50 -7.98
CA ILE A 407 6.73 56.54 -7.13
C ILE A 407 7.45 56.34 -5.80
N GLN A 408 8.77 56.19 -5.86
CA GLN A 408 9.57 55.99 -4.65
C GLN A 408 9.47 57.23 -3.75
N VAL A 409 9.54 58.41 -4.35
CA VAL A 409 9.43 59.62 -3.55
C VAL A 409 8.02 59.69 -2.96
N ALA A 410 7.02 59.27 -3.72
CA ALA A 410 5.66 59.27 -3.23
C ALA A 410 5.57 58.38 -1.98
N LEU A 411 6.19 57.21 -2.05
CA LEU A 411 6.19 56.27 -0.92
C LEU A 411 6.84 56.88 0.32
N GLN A 412 7.92 57.64 0.13
CA GLN A 412 8.61 58.28 1.26
C GLN A 412 7.68 59.31 1.89
N LEU A 413 6.92 60.02 1.07
CA LEU A 413 6.00 61.02 1.58
C LEU A 413 4.92 60.33 2.41
N ALA A 414 4.35 59.27 1.86
CA ALA A 414 3.30 58.52 2.54
C ALA A 414 3.75 57.98 3.90
N TYR A 415 4.95 57.43 3.95
CA TYR A 415 5.50 56.86 5.18
C TYR A 415 5.68 57.96 6.23
N TYR A 416 6.26 59.08 5.82
CA TYR A 416 6.47 60.19 6.73
C TYR A 416 5.14 60.72 7.27
N ARG A 417 4.15 60.81 6.39
CA ARG A 417 2.84 61.30 6.79
C ARG A 417 2.22 60.43 7.87
N ILE A 418 2.59 59.16 7.89
CA ILE A 418 2.07 58.22 8.87
C ILE A 418 2.89 58.18 10.16
N TYR A 419 4.21 58.04 10.02
CA TYR A 419 5.08 57.94 11.18
C TYR A 419 5.83 59.19 11.60
N GLY A 420 5.75 60.26 10.82
CA GLY A 420 6.44 61.48 11.20
C GLY A 420 7.96 61.41 11.15
N GLN A 421 8.49 60.41 10.46
CA GLN A 421 9.94 60.27 10.32
C GLN A 421 10.24 59.31 9.16
N ALA A 422 11.46 59.37 8.64
CA ALA A 422 11.85 58.50 7.54
C ALA A 422 12.35 57.17 8.12
N CYS A 423 12.53 56.17 7.25
CA CYS A 423 13.00 54.86 7.68
C CYS A 423 13.91 54.25 6.63
N ALA A 424 14.73 53.29 7.04
CA ALA A 424 15.61 52.61 6.11
C ALA A 424 14.72 52.07 5.01
N THR A 425 15.06 52.40 3.77
CA THR A 425 14.27 51.93 2.64
C THR A 425 15.16 51.27 1.58
N TYR A 426 14.68 50.11 1.12
CA TYR A 426 15.35 49.27 0.14
C TYR A 426 14.58 49.20 -1.17
N GLU A 427 15.27 49.37 -2.29
CA GLU A 427 14.65 49.21 -3.59
C GLU A 427 15.62 48.41 -4.44
N SER A 428 15.12 47.32 -5.03
CA SER A 428 15.94 46.46 -5.87
C SER A 428 16.53 47.20 -7.07
N ALA A 429 17.83 47.01 -7.29
CA ALA A 429 18.52 47.61 -8.42
C ALA A 429 19.18 46.44 -9.16
N SER A 430 18.96 46.37 -10.46
CA SER A 430 19.53 45.29 -11.26
C SER A 430 20.97 45.54 -11.66
N LEU A 431 21.83 44.56 -11.39
CA LEU A 431 23.23 44.67 -11.75
C LEU A 431 23.56 43.72 -12.91
N ARG A 432 22.55 43.43 -13.73
CA ARG A 432 22.76 42.53 -14.87
C ARG A 432 23.65 43.04 -15.99
N MET A 433 24.14 44.29 -15.93
CA MET A 433 25.02 44.74 -16.99
C MET A 433 26.37 44.06 -16.77
N PHE A 434 26.49 43.40 -15.62
CA PHE A 434 27.72 42.68 -15.29
C PHE A 434 27.48 41.17 -15.30
N HIS A 435 28.53 40.41 -15.64
CA HIS A 435 28.47 38.96 -15.71
C HIS A 435 27.97 38.38 -14.39
N LEU A 436 26.91 37.59 -14.46
CA LEU A 436 26.30 36.95 -13.30
C LEU A 436 25.74 37.96 -12.29
N GLY A 437 25.59 39.20 -12.72
CA GLY A 437 25.07 40.22 -11.81
C GLY A 437 23.64 39.95 -11.40
N ARG A 438 23.36 40.21 -10.12
CA ARG A 438 22.00 40.02 -9.61
C ARG A 438 21.46 41.40 -9.24
N THR A 439 21.69 41.82 -7.99
CA THR A 439 21.19 43.12 -7.55
C THR A 439 22.05 43.89 -6.56
N ASP A 440 21.69 45.16 -6.36
CA ASP A 440 22.33 45.99 -5.36
C ASP A 440 21.19 46.79 -4.75
N THR A 441 21.49 47.62 -3.76
CA THR A 441 20.47 48.39 -3.09
C THR A 441 20.42 49.87 -3.38
N ILE A 442 19.22 50.35 -3.72
CA ILE A 442 19.00 51.77 -3.94
C ILE A 442 18.30 52.15 -2.63
N ARG A 443 18.78 53.19 -1.97
CA ARG A 443 18.19 53.63 -0.71
C ARG A 443 17.34 54.87 -0.98
N SER A 444 16.03 54.67 -0.92
CA SER A 444 15.06 55.74 -1.19
C SER A 444 14.92 56.82 -0.12
N ALA A 445 15.38 56.54 1.09
CA ALA A 445 15.32 57.52 2.16
C ALA A 445 16.65 58.26 2.09
N SER A 446 16.61 59.53 1.66
CA SER A 446 17.83 60.32 1.52
C SER A 446 17.65 61.71 2.10
N ILE A 447 18.70 62.53 1.99
CA ILE A 447 18.65 63.88 2.50
C ILE A 447 17.59 64.67 1.75
N ASP A 448 17.60 64.53 0.42
CA ASP A 448 16.65 65.24 -0.42
C ASP A 448 15.22 64.74 -0.28
N SER A 449 15.03 63.43 -0.09
CA SER A 449 13.68 62.90 0.06
C SER A 449 13.09 63.39 1.38
N LEU A 450 13.92 63.45 2.42
CA LEU A 450 13.46 63.91 3.72
C LEU A 450 13.13 65.40 3.67
N ALA A 451 13.97 66.16 2.97
CA ALA A 451 13.75 67.60 2.83
C ALA A 451 12.43 67.87 2.14
N PHE A 452 12.05 67.01 1.20
CA PHE A 452 10.80 67.17 0.48
C PHE A 452 9.59 66.81 1.33
N VAL A 453 9.60 65.63 1.95
CA VAL A 453 8.47 65.21 2.78
C VAL A 453 8.15 66.21 3.89
N LYS A 454 9.20 66.78 4.47
CA LYS A 454 9.01 67.77 5.53
C LYS A 454 8.41 69.05 4.97
N GLY A 455 9.01 69.58 3.90
CA GLY A 455 8.50 70.80 3.31
C GLY A 455 7.09 70.63 2.74
N MET A 456 6.78 69.41 2.29
CA MET A 456 5.48 69.13 1.72
C MET A 456 4.34 69.32 2.72
N GLY A 457 4.48 68.74 3.91
CA GLY A 457 3.45 68.87 4.92
C GLY A 457 3.57 70.15 5.73
N ASP A 458 4.54 70.98 5.38
CA ASP A 458 4.76 72.23 6.09
C ASP A 458 3.78 73.29 5.58
N SER A 459 2.89 73.75 6.45
CA SER A 459 1.90 74.76 6.06
C SER A 459 2.47 76.16 6.00
N THR A 460 3.79 76.29 6.15
CA THR A 460 4.43 77.59 6.10
C THR A 460 5.32 77.72 4.86
N VAL A 461 5.48 76.62 4.12
CA VAL A 461 6.32 76.63 2.92
C VAL A 461 5.50 76.86 1.66
N PRO A 462 5.97 77.78 0.78
CA PRO A 462 5.27 78.11 -0.46
C PRO A 462 5.09 76.87 -1.34
N GLU A 463 3.93 76.76 -1.97
CA GLU A 463 3.65 75.63 -2.84
C GLU A 463 4.72 75.50 -3.93
N GLN A 464 5.21 76.63 -4.41
CA GLN A 464 6.24 76.65 -5.45
C GLN A 464 7.57 76.13 -4.91
N GLN A 465 7.79 76.31 -3.61
CA GLN A 465 9.01 75.86 -3.00
C GLN A 465 8.98 74.34 -2.85
N LYS A 466 7.78 73.79 -2.67
CA LYS A 466 7.61 72.35 -2.51
C LYS A 466 7.88 71.63 -3.82
N VAL A 467 7.60 72.32 -4.93
CA VAL A 467 7.83 71.75 -6.25
C VAL A 467 9.32 71.52 -6.49
N GLU A 468 10.14 72.53 -6.15
CA GLU A 468 11.58 72.43 -6.32
C GLU A 468 12.10 71.26 -5.50
N LEU A 469 11.65 71.17 -4.25
CA LEU A 469 12.07 70.09 -3.37
C LEU A 469 11.67 68.73 -3.95
N LEU A 470 10.51 68.69 -4.60
CA LEU A 470 10.02 67.46 -5.19
C LEU A 470 10.95 67.00 -6.31
N ARG A 471 11.23 67.90 -7.26
CA ARG A 471 12.10 67.58 -8.38
C ARG A 471 13.50 67.19 -7.92
N LYS A 472 13.99 67.87 -6.89
CA LYS A 472 15.31 67.57 -6.38
C LYS A 472 15.36 66.18 -5.74
N ALA A 473 14.27 65.77 -5.10
CA ALA A 473 14.21 64.45 -4.48
C ALA A 473 14.21 63.38 -5.55
N VAL A 474 13.42 63.61 -6.60
CA VAL A 474 13.29 62.68 -7.72
C VAL A 474 14.63 62.57 -8.47
N GLN A 475 15.28 63.70 -8.69
CA GLN A 475 16.56 63.69 -9.38
C GLN A 475 17.62 62.98 -8.55
N ALA A 476 17.60 63.20 -7.24
CA ALA A 476 18.57 62.57 -6.35
C ALA A 476 18.37 61.05 -6.40
N HIS A 477 17.12 60.63 -6.54
CA HIS A 477 16.81 59.21 -6.60
C HIS A 477 17.25 58.60 -7.93
N ARG A 478 17.05 59.36 -9.01
CA ARG A 478 17.45 58.90 -10.34
C ARG A 478 18.97 58.74 -10.39
N ALA A 479 19.68 59.66 -9.73
CA ALA A 479 21.13 59.62 -9.68
C ALA A 479 21.60 58.36 -8.96
N TYR A 480 21.02 58.09 -7.80
CA TYR A 480 21.37 56.91 -7.00
C TYR A 480 21.12 55.66 -7.84
N THR A 481 20.00 55.67 -8.56
CA THR A 481 19.63 54.56 -9.41
C THR A 481 20.69 54.34 -10.50
N ASP A 482 21.11 55.42 -11.14
CA ASP A 482 22.12 55.30 -12.18
C ASP A 482 23.41 54.72 -11.63
N ARG A 483 23.78 55.13 -10.42
CA ARG A 483 25.00 54.63 -9.78
C ARG A 483 24.86 53.16 -9.37
N ALA A 484 23.66 52.79 -8.94
CA ALA A 484 23.41 51.41 -8.49
C ALA A 484 23.52 50.38 -9.61
N ILE A 485 22.89 50.66 -10.74
CA ILE A 485 22.96 49.73 -11.85
C ILE A 485 24.35 49.70 -12.45
N ARG A 486 25.19 50.67 -12.09
CA ARG A 486 26.56 50.71 -12.60
C ARG A 486 27.57 50.17 -11.58
N GLY A 487 27.08 49.48 -10.57
CA GLY A 487 27.96 48.92 -9.56
C GLY A 487 28.64 49.97 -8.70
N GLU A 488 28.01 51.14 -8.59
CA GLU A 488 28.56 52.24 -7.80
C GLU A 488 27.82 52.48 -6.48
N ALA A 489 26.90 51.58 -6.15
CA ALA A 489 26.16 51.70 -4.90
C ALA A 489 27.12 51.19 -3.82
N PHE A 490 26.68 51.16 -2.56
CA PHE A 490 27.56 50.71 -1.49
C PHE A 490 27.07 49.55 -0.62
N ASP A 491 25.79 49.19 -0.70
CA ASP A 491 25.31 48.11 0.15
C ASP A 491 26.01 46.77 -0.02
N ARG A 492 26.08 46.26 -1.24
CA ARG A 492 26.73 44.98 -1.49
C ARG A 492 28.21 45.06 -1.18
N HIS A 493 28.78 46.25 -1.42
CA HIS A 493 30.20 46.47 -1.16
C HIS A 493 30.45 46.33 0.35
N LEU A 494 29.64 47.01 1.18
CA LEU A 494 29.79 46.93 2.62
C LEU A 494 29.62 45.50 3.13
N LEU A 495 28.68 44.77 2.54
CA LEU A 495 28.44 43.38 2.92
C LEU A 495 29.71 42.59 2.61
N GLY A 496 30.26 42.84 1.43
CA GLY A 496 31.48 42.16 1.03
C GLY A 496 32.65 42.42 1.97
N LEU A 497 32.76 43.65 2.47
CA LEU A 497 33.83 43.99 3.40
C LEU A 497 33.63 43.21 4.70
N LYS A 498 32.37 43.06 5.12
CA LYS A 498 32.08 42.32 6.33
C LYS A 498 32.41 40.84 6.12
N LEU A 499 31.97 40.27 5.01
CA LEU A 499 32.26 38.87 4.73
C LEU A 499 33.77 38.64 4.53
N GLN A 500 34.45 39.62 3.97
CA GLN A 500 35.89 39.51 3.76
C GLN A 500 36.60 39.43 5.11
N ALA A 501 36.11 40.22 6.07
CA ALA A 501 36.68 40.23 7.41
C ALA A 501 36.52 38.86 8.05
N ILE A 502 35.33 38.28 7.91
CA ILE A 502 35.08 36.95 8.47
C ILE A 502 36.07 35.95 7.88
N GLU A 503 36.17 35.94 6.55
CA GLU A 503 37.08 35.05 5.86
C GLU A 503 38.55 35.27 6.24
N ASP A 504 38.93 36.53 6.45
CA ASP A 504 40.30 36.85 6.82
C ASP A 504 40.61 36.43 8.26
N LEU A 505 39.59 35.95 8.96
CA LEU A 505 39.76 35.51 10.34
C LEU A 505 40.13 36.67 11.27
N VAL A 506 39.71 37.88 10.91
CA VAL A 506 39.99 39.05 11.73
C VAL A 506 38.73 39.46 12.46
N SER A 507 38.89 40.12 13.60
CA SER A 507 37.75 40.55 14.39
C SER A 507 36.76 41.37 13.56
N MET A 508 35.49 41.27 13.91
CA MET A 508 34.45 42.02 13.19
C MET A 508 34.59 43.51 13.45
N PRO A 509 34.88 44.30 12.39
CA PRO A 509 35.02 45.75 12.55
C PRO A 509 33.81 46.34 13.27
N ASP A 510 34.07 47.34 14.12
CA ASP A 510 33.00 47.99 14.86
C ASP A 510 31.95 48.61 13.93
N ILE A 511 32.41 49.10 12.79
CA ILE A 511 31.53 49.72 11.82
C ILE A 511 30.34 48.83 11.47
N PHE A 512 30.55 47.51 11.55
CA PHE A 512 29.49 46.56 11.24
C PHE A 512 28.67 46.20 12.48
N MET A 513 29.20 46.50 13.66
CA MET A 513 28.46 46.22 14.89
C MET A 513 27.83 47.51 15.40
N ASP A 514 28.10 48.59 14.67
CA ASP A 514 27.58 49.91 15.02
C ASP A 514 26.05 49.94 14.91
N THR A 515 25.41 50.59 15.87
CA THR A 515 23.95 50.70 15.88
C THR A 515 23.43 51.24 14.55
N SER A 516 24.15 52.19 13.96
CA SER A 516 23.76 52.80 12.70
C SER A 516 23.61 51.78 11.57
N TYR A 517 24.53 50.83 11.51
CA TYR A 517 24.49 49.82 10.47
C TYR A 517 23.28 48.93 10.68
N ALA A 518 22.94 48.70 11.95
CA ALA A 518 21.79 47.87 12.29
C ALA A 518 20.50 48.51 11.77
N ILE A 519 20.37 49.81 12.01
CA ILE A 519 19.19 50.55 11.56
C ILE A 519 19.16 50.58 10.04
N ALA A 520 20.32 50.90 9.45
CA ALA A 520 20.47 50.98 8.02
C ALA A 520 20.10 49.68 7.28
N MET A 521 20.37 48.53 7.91
CA MET A 521 20.07 47.25 7.27
C MET A 521 18.74 46.63 7.70
N HIS A 522 17.99 47.36 8.51
CA HIS A 522 16.69 46.94 9.02
C HIS A 522 15.67 47.73 8.18
N PHE A 523 15.29 47.16 7.04
CA PHE A 523 14.38 47.82 6.11
C PHE A 523 12.88 47.80 6.37
N ASN A 524 12.40 48.83 7.05
CA ASN A 524 10.99 48.95 7.33
C ASN A 524 10.21 49.00 6.02
N LEU A 525 10.87 49.45 4.96
CA LEU A 525 10.27 49.47 3.63
C LEU A 525 11.18 48.68 2.72
N SER A 526 10.69 47.56 2.22
CA SER A 526 11.45 46.74 1.29
C SER A 526 10.62 46.79 0.02
N THR A 527 11.22 47.24 -1.07
CA THR A 527 10.48 47.41 -2.31
C THR A 527 11.20 47.03 -3.60
N SER A 528 10.44 46.97 -4.67
CA SER A 528 11.00 46.67 -5.99
C SER A 528 9.98 46.99 -7.06
N GLN A 529 10.50 47.23 -8.25
CA GLN A 529 9.66 47.51 -9.40
C GLN A 529 9.85 46.33 -10.33
N VAL A 530 8.75 45.84 -10.89
CA VAL A 530 8.81 44.72 -11.81
C VAL A 530 7.96 45.04 -13.03
N PRO A 531 8.51 45.85 -13.96
CA PRO A 531 7.80 46.24 -15.19
C PRO A 531 7.46 45.04 -16.07
N ALA A 532 6.30 45.09 -16.71
CA ALA A 532 5.90 44.02 -17.61
C ALA A 532 4.86 44.53 -18.58
N LYS A 533 4.84 43.96 -19.77
CA LYS A 533 3.86 44.36 -20.76
C LYS A 533 2.53 43.78 -20.31
N THR A 534 2.58 42.64 -19.63
CA THR A 534 1.40 41.98 -19.10
C THR A 534 0.89 42.79 -17.91
N ASP A 535 -0.42 42.97 -17.81
CA ASP A 535 -0.99 43.73 -16.71
C ASP A 535 -1.03 42.85 -15.45
N CYS A 536 0.14 42.43 -15.00
CA CYS A 536 0.27 41.58 -13.83
C CYS A 536 0.87 42.37 -12.67
N VAL A 537 1.01 41.71 -11.52
CA VAL A 537 1.59 42.38 -10.36
C VAL A 537 2.25 41.33 -9.48
N MET A 538 3.35 41.68 -8.84
CA MET A 538 4.02 40.74 -7.96
C MET A 538 3.92 41.19 -6.50
N PHE A 539 4.24 40.29 -5.58
CA PHE A 539 4.18 40.62 -4.16
C PHE A 539 5.05 39.67 -3.33
N PHE A 540 5.40 40.12 -2.13
CA PHE A 540 6.24 39.33 -1.22
C PHE A 540 6.01 39.86 0.18
N GLY A 541 6.34 39.08 1.19
CA GLY A 541 6.16 39.56 2.56
C GLY A 541 7.26 40.51 2.96
N PRO A 542 7.06 41.29 4.04
CA PRO A 542 8.06 42.24 4.51
C PRO A 542 9.33 41.48 4.93
N VAL A 543 10.47 42.17 4.96
CA VAL A 543 11.72 41.53 5.35
C VAL A 543 12.00 41.69 6.85
N VAL A 544 11.21 42.52 7.53
CA VAL A 544 11.35 42.70 8.98
C VAL A 544 9.97 42.65 9.61
N PRO A 545 9.89 42.27 10.89
CA PRO A 545 8.63 42.17 11.63
C PRO A 545 7.80 43.46 11.57
N ASP A 546 8.44 44.61 11.70
CA ASP A 546 7.76 45.89 11.69
C ASP A 546 7.89 46.66 10.38
N GLY A 547 7.91 45.92 9.26
CA GLY A 547 8.04 46.60 7.98
C GLY A 547 6.97 46.25 6.97
N TYR A 548 7.14 46.79 5.77
CA TYR A 548 6.22 46.56 4.67
C TYR A 548 6.95 45.99 3.46
N GLY A 549 6.23 45.19 2.67
CA GLY A 549 6.78 44.64 1.45
C GLY A 549 5.95 45.26 0.33
N ILE A 550 6.55 46.13 -0.48
CA ILE A 550 5.80 46.77 -1.55
C ILE A 550 6.40 46.54 -2.94
N CYS A 551 5.58 46.07 -3.87
CA CYS A 551 6.03 45.80 -5.23
C CYS A 551 5.05 46.45 -6.19
N TYR A 552 5.53 46.87 -7.36
CA TYR A 552 4.64 47.50 -8.31
C TYR A 552 5.04 47.33 -9.77
N ASN A 553 4.03 47.39 -10.63
CA ASN A 553 4.22 47.30 -12.06
C ASN A 553 3.67 48.59 -12.65
N PRO A 554 4.56 49.54 -12.95
CA PRO A 554 4.16 50.83 -13.52
C PRO A 554 3.76 50.66 -14.98
N MET A 555 2.48 50.84 -15.27
CA MET A 555 2.02 50.72 -16.64
C MET A 555 1.93 52.15 -17.17
N GLU A 556 1.53 52.32 -18.42
CA GLU A 556 1.46 53.67 -18.97
C GLU A 556 0.38 54.53 -18.33
N ALA A 557 -0.83 53.98 -18.17
CA ALA A 557 -1.95 54.73 -17.61
C ALA A 557 -2.36 54.36 -16.17
N HIS A 558 -1.72 53.36 -15.59
CA HIS A 558 -2.01 52.96 -14.23
C HIS A 558 -0.82 52.21 -13.63
N ILE A 559 -0.87 51.96 -12.32
CA ILE A 559 0.20 51.25 -11.63
C ILE A 559 -0.38 50.16 -10.73
N ASN A 560 0.07 48.92 -10.92
CA ASN A 560 -0.40 47.81 -10.09
C ASN A 560 0.50 47.81 -8.85
N PHE A 561 -0.10 47.94 -7.68
CA PHE A 561 0.62 47.94 -6.40
C PHE A 561 0.24 46.76 -5.53
N SER A 562 1.18 46.31 -4.70
CA SER A 562 0.92 45.24 -3.73
C SER A 562 1.61 45.75 -2.47
N VAL A 563 0.94 45.62 -1.33
CA VAL A 563 1.49 46.08 -0.05
C VAL A 563 1.27 45.00 1.00
N SER A 564 2.35 44.55 1.63
CA SER A 564 2.23 43.52 2.65
C SER A 564 2.72 44.04 4.00
N ALA A 565 2.24 43.42 5.07
CA ALA A 565 2.63 43.78 6.42
C ALA A 565 2.34 42.58 7.33
N TYR A 566 2.85 42.64 8.55
CA TYR A 566 2.64 41.57 9.51
C TYR A 566 1.72 42.04 10.63
N ASN A 567 0.69 41.24 10.91
CA ASN A 567 -0.27 41.58 11.94
C ASN A 567 0.35 41.58 13.34
N SER A 568 1.48 40.87 13.49
CA SER A 568 2.17 40.81 14.78
C SER A 568 2.65 42.20 15.20
N CYS A 569 2.76 43.12 14.24
CA CYS A 569 3.20 44.49 14.54
C CYS A 569 2.00 45.43 14.42
N ALA A 570 1.47 45.86 15.57
CA ALA A 570 0.31 46.76 15.56
C ALA A 570 0.58 48.09 14.85
N GLU A 571 1.85 48.49 14.79
CA GLU A 571 2.23 49.75 14.16
C GLU A 571 2.14 49.78 12.64
N THR A 572 1.93 48.63 12.00
CA THR A 572 1.81 48.58 10.55
C THR A 572 0.43 48.12 10.13
N ASN A 573 -0.01 48.62 8.98
CA ASN A 573 -1.31 48.27 8.41
C ASN A 573 -1.23 48.43 6.89
N ALA A 574 -1.37 47.32 6.18
CA ALA A 574 -1.30 47.31 4.72
C ALA A 574 -2.29 48.26 4.04
N ALA A 575 -3.55 48.19 4.44
CA ALA A 575 -4.58 49.04 3.86
C ALA A 575 -4.25 50.52 4.04
N ARG A 576 -3.85 50.88 5.26
CA ARG A 576 -3.52 52.27 5.56
C ARG A 576 -2.32 52.76 4.74
N MET A 577 -1.29 51.94 4.65
CA MET A 577 -0.10 52.31 3.89
C MET A 577 -0.50 52.53 2.42
N ALA A 578 -1.30 51.60 1.88
CA ALA A 578 -1.74 51.70 0.50
C ALA A 578 -2.54 52.98 0.27
N HIS A 579 -3.42 53.31 1.20
CA HIS A 579 -4.22 54.52 1.10
C HIS A 579 -3.34 55.77 1.07
N TYR A 580 -2.39 55.85 2.00
CA TYR A 580 -1.50 57.00 2.04
C TYR A 580 -0.62 57.08 0.81
N LEU A 581 -0.26 55.93 0.25
CA LEU A 581 0.57 55.92 -0.96
C LEU A 581 -0.24 56.47 -2.13
N GLU A 582 -1.49 56.03 -2.26
CA GLU A 582 -2.35 56.50 -3.34
C GLU A 582 -2.50 58.02 -3.23
N LYS A 583 -2.72 58.51 -2.02
CA LYS A 583 -2.90 59.94 -1.78
C LYS A 583 -1.61 60.74 -1.97
N ALA A 584 -0.46 60.14 -1.65
CA ALA A 584 0.80 60.85 -1.81
C ALA A 584 1.04 61.06 -3.30
N LEU A 585 0.77 60.03 -4.10
CA LEU A 585 0.93 60.09 -5.55
C LEU A 585 0.02 61.17 -6.14
N LEU A 586 -1.24 61.19 -5.72
CA LEU A 586 -2.18 62.19 -6.21
C LEU A 586 -1.80 63.61 -5.79
N ASP A 587 -1.38 63.77 -4.54
CA ASP A 587 -0.99 65.09 -4.05
C ASP A 587 0.23 65.65 -4.77
N MET A 588 1.14 64.76 -5.16
CA MET A 588 2.33 65.18 -5.89
C MET A 588 1.95 65.64 -7.29
N ARG A 589 0.97 64.97 -7.89
CA ARG A 589 0.52 65.35 -9.22
C ARG A 589 -0.18 66.70 -9.13
N THR A 590 -0.96 66.88 -8.07
CA THR A 590 -1.69 68.12 -7.88
C THR A 590 -0.71 69.27 -7.70
N LEU A 591 0.35 69.06 -6.94
CA LEU A 591 1.36 70.08 -6.70
C LEU A 591 2.03 70.53 -8.00
N LEU A 592 2.41 69.57 -8.84
CA LEU A 592 3.06 69.87 -10.12
C LEU A 592 2.12 70.49 -11.14
N GLN A 593 0.85 70.09 -11.12
CA GLN A 593 -0.13 70.63 -12.05
C GLN A 593 -0.47 72.06 -11.69
N ASN A 594 -0.41 72.38 -10.39
CA ASN A 594 -0.71 73.72 -9.92
C ASN A 594 0.37 74.70 -10.32
N HIS A 595 1.54 74.19 -10.70
CA HIS A 595 2.65 75.05 -11.07
C HIS A 595 3.39 74.57 -12.31
N PRO A 596 2.80 74.77 -13.50
CA PRO A 596 3.40 74.36 -14.77
C PRO A 596 4.76 75.02 -15.00
N ARG A 597 5.62 74.35 -15.76
CA ARG A 597 6.95 74.89 -16.06
C ARG A 597 6.90 75.83 -17.26
N ALA A 598 6.51 75.30 -18.42
CA ALA A 598 6.42 76.10 -19.63
C ALA A 598 5.58 77.34 -19.38
N LYS A 599 6.22 78.51 -19.38
CA LYS A 599 5.55 79.79 -19.14
C LYS A 599 4.91 79.83 -17.75
N SER B 1 1.32 -54.36 26.84
CA SER B 1 1.99 -53.66 25.70
C SER B 1 1.08 -53.61 24.48
N HIS B 2 1.55 -52.94 23.44
CA HIS B 2 0.78 -52.80 22.21
C HIS B 2 0.69 -54.13 21.45
N MET B 3 1.83 -54.79 21.27
CA MET B 3 1.86 -56.05 20.54
C MET B 3 0.90 -57.07 21.15
N ALA B 4 0.93 -57.21 22.48
CA ALA B 4 0.06 -58.15 23.19
C ALA B 4 -1.40 -57.87 22.85
N HIS B 5 -1.79 -56.60 22.95
CA HIS B 5 -3.15 -56.17 22.64
C HIS B 5 -3.52 -56.56 21.22
N GLN B 6 -2.67 -56.19 20.27
CA GLN B 6 -2.91 -56.49 18.86
C GLN B 6 -3.04 -57.97 18.58
N ASP B 7 -2.21 -58.78 19.24
CA ASP B 7 -2.24 -60.23 19.05
C ASP B 7 -3.53 -60.86 19.54
N ALA B 8 -4.15 -60.25 20.54
CA ALA B 8 -5.40 -60.77 21.09
C ALA B 8 -6.62 -60.37 20.26
N LEU B 9 -6.40 -59.62 19.19
CA LEU B 9 -7.51 -59.18 18.35
C LEU B 9 -7.87 -60.19 17.26
N PRO B 10 -9.16 -60.27 16.90
CA PRO B 10 -9.55 -61.22 15.87
C PRO B 10 -9.03 -60.73 14.52
N ARG B 11 -8.81 -61.65 13.58
CA ARG B 11 -8.32 -61.31 12.26
C ARG B 11 -9.49 -61.04 11.32
N LEU B 12 -9.29 -60.18 10.33
CA LEU B 12 -10.34 -59.84 9.38
C LEU B 12 -10.83 -61.10 8.68
N PRO B 13 -12.15 -61.34 8.71
CA PRO B 13 -12.67 -62.55 8.06
C PRO B 13 -13.03 -62.33 6.60
N VAL B 14 -13.24 -63.43 5.90
CA VAL B 14 -13.65 -63.41 4.51
C VAL B 14 -15.08 -63.95 4.58
N PRO B 15 -16.07 -63.11 4.27
CA PRO B 15 -17.48 -63.51 4.31
C PRO B 15 -17.76 -64.63 3.30
N PRO B 16 -18.82 -65.43 3.55
CA PRO B 16 -19.17 -66.51 2.62
C PRO B 16 -19.56 -65.84 1.32
N LEU B 17 -19.24 -66.46 0.18
CA LEU B 17 -19.56 -65.88 -1.12
C LEU B 17 -21.05 -65.58 -1.30
N GLN B 18 -21.89 -66.58 -1.02
CA GLN B 18 -23.33 -66.41 -1.20
C GLN B 18 -23.91 -65.28 -0.36
N GLN B 19 -23.45 -65.20 0.88
CA GLN B 19 -23.90 -64.15 1.80
C GLN B 19 -23.67 -62.76 1.21
N SER B 20 -22.44 -62.47 0.82
CA SER B 20 -22.13 -61.17 0.24
C SER B 20 -22.86 -60.86 -1.07
N LEU B 21 -23.04 -61.87 -1.91
CA LEU B 21 -23.74 -61.67 -3.17
C LEU B 21 -25.22 -61.39 -2.93
N ASP B 22 -25.79 -62.00 -1.90
CA ASP B 22 -27.19 -61.77 -1.57
C ASP B 22 -27.39 -60.34 -1.08
N TYR B 23 -26.48 -59.85 -0.25
CA TYR B 23 -26.59 -58.48 0.25
C TYR B 23 -26.38 -57.50 -0.91
N TYR B 24 -25.53 -57.89 -1.85
CA TYR B 24 -25.24 -57.07 -3.00
C TYR B 24 -26.49 -56.89 -3.86
N LEU B 25 -27.17 -57.98 -4.20
CA LEU B 25 -28.39 -57.86 -5.02
C LEU B 25 -29.43 -56.99 -4.31
N LYS B 26 -29.52 -57.08 -2.99
CA LYS B 26 -30.48 -56.28 -2.25
C LYS B 26 -30.11 -54.80 -2.25
N ALA B 27 -28.82 -54.51 -2.12
CA ALA B 27 -28.37 -53.11 -2.11
C ALA B 27 -28.52 -52.47 -3.50
N LEU B 28 -28.57 -53.29 -4.53
CA LEU B 28 -28.71 -52.79 -5.91
C LEU B 28 -30.14 -52.47 -6.31
N GLN B 29 -31.10 -53.11 -5.69
CA GLN B 29 -32.50 -52.89 -6.07
C GLN B 29 -32.93 -51.44 -6.21
N PRO B 30 -32.66 -50.59 -5.20
CA PRO B 30 -33.09 -49.19 -5.31
C PRO B 30 -32.29 -48.28 -6.25
N ILE B 31 -31.15 -48.74 -6.74
CA ILE B 31 -30.33 -47.90 -7.60
C ILE B 31 -30.08 -48.35 -9.04
N VAL B 32 -30.69 -49.44 -9.47
CA VAL B 32 -30.52 -49.90 -10.85
C VAL B 32 -31.90 -50.20 -11.44
N SER B 33 -31.99 -50.21 -12.77
CA SER B 33 -33.26 -50.48 -13.45
C SER B 33 -33.67 -51.93 -13.28
N GLU B 34 -34.93 -52.23 -13.55
CA GLU B 34 -35.44 -53.60 -13.44
C GLU B 34 -34.65 -54.54 -14.35
N GLU B 35 -34.34 -54.07 -15.56
CA GLU B 35 -33.60 -54.87 -16.52
C GLU B 35 -32.19 -55.16 -16.04
N GLU B 36 -31.53 -54.12 -15.54
CA GLU B 36 -30.16 -54.24 -15.04
C GLU B 36 -30.07 -55.19 -13.85
N TRP B 37 -31.06 -55.13 -12.96
CA TRP B 37 -31.06 -55.99 -11.78
C TRP B 37 -31.25 -57.46 -12.19
N ALA B 38 -32.19 -57.70 -13.10
CA ALA B 38 -32.45 -59.06 -13.57
C ALA B 38 -31.18 -59.65 -14.18
N HIS B 39 -30.53 -58.88 -15.04
CA HIS B 39 -29.29 -59.33 -15.68
C HIS B 39 -28.25 -59.61 -14.62
N THR B 40 -28.14 -58.73 -13.64
CA THR B 40 -27.16 -58.89 -12.57
C THR B 40 -27.48 -60.12 -11.72
N LYS B 41 -28.77 -60.42 -11.58
CA LYS B 41 -29.20 -61.59 -10.82
C LYS B 41 -28.67 -62.83 -11.53
N GLN B 42 -28.73 -62.84 -12.85
CA GLN B 42 -28.25 -63.99 -13.60
C GLN B 42 -26.72 -64.11 -13.52
N LEU B 43 -26.01 -62.99 -13.56
CA LEU B 43 -24.56 -63.03 -13.46
C LEU B 43 -24.13 -63.57 -12.10
N VAL B 44 -24.88 -63.20 -11.06
CA VAL B 44 -24.58 -63.64 -9.71
C VAL B 44 -24.73 -65.15 -9.61
N ASP B 45 -25.81 -65.69 -10.17
CA ASP B 45 -26.02 -67.15 -10.15
C ASP B 45 -24.90 -67.86 -10.89
N GLU B 46 -24.50 -67.33 -12.04
CA GLU B 46 -23.44 -67.93 -12.83
C GLU B 46 -22.07 -67.83 -12.15
N PHE B 47 -21.85 -66.70 -11.47
CA PHE B 47 -20.60 -66.43 -10.77
C PHE B 47 -20.32 -67.43 -9.66
N GLN B 48 -21.36 -67.90 -8.97
CA GLN B 48 -21.14 -68.84 -7.87
C GLN B 48 -21.57 -70.28 -8.14
N THR B 49 -21.79 -70.63 -9.41
CA THR B 49 -22.19 -72.00 -9.72
C THR B 49 -21.01 -72.94 -9.53
N SER B 50 -21.29 -74.22 -9.33
CA SER B 50 -20.25 -75.22 -9.13
C SER B 50 -19.26 -75.22 -10.27
N GLY B 51 -17.97 -75.17 -9.92
CA GLY B 51 -16.92 -75.17 -10.93
C GLY B 51 -16.83 -73.83 -11.64
N GLY B 52 -17.46 -72.81 -11.05
CA GLY B 52 -17.44 -71.49 -11.65
C GLY B 52 -16.25 -70.65 -11.23
N VAL B 53 -16.27 -69.39 -11.67
CA VAL B 53 -15.21 -68.45 -11.39
C VAL B 53 -15.21 -67.96 -9.95
N GLY B 54 -16.37 -67.55 -9.44
CA GLY B 54 -16.46 -67.04 -8.09
C GLY B 54 -15.94 -67.97 -7.03
N GLU B 55 -16.25 -69.24 -7.17
CA GLU B 55 -15.83 -70.26 -6.23
C GLU B 55 -14.29 -70.33 -6.13
N ARG B 56 -13.61 -70.22 -7.27
CA ARG B 56 -12.15 -70.27 -7.25
C ARG B 56 -11.55 -69.02 -6.62
N LEU B 57 -12.17 -67.87 -6.88
CA LEU B 57 -11.67 -66.62 -6.34
C LEU B 57 -11.86 -66.58 -4.82
N GLN B 58 -13.00 -67.08 -4.36
CA GLN B 58 -13.30 -67.12 -2.94
C GLN B 58 -12.24 -67.97 -2.24
N LYS B 59 -11.88 -69.09 -2.85
CA LYS B 59 -10.87 -69.98 -2.29
C LYS B 59 -9.55 -69.23 -2.15
N GLY B 60 -9.23 -68.44 -3.16
CA GLY B 60 -8.00 -67.66 -3.14
C GLY B 60 -7.95 -66.71 -1.96
N LEU B 61 -9.06 -66.02 -1.71
CA LEU B 61 -9.12 -65.09 -0.58
C LEU B 61 -8.98 -65.82 0.74
N GLU B 62 -9.60 -67.00 0.86
CA GLU B 62 -9.50 -67.74 2.11
C GLU B 62 -8.05 -68.15 2.33
N ARG B 63 -7.34 -68.46 1.24
CA ARG B 63 -5.94 -68.83 1.36
C ARG B 63 -5.12 -67.60 1.75
N ARG B 64 -5.51 -66.43 1.23
CA ARG B 64 -4.83 -65.18 1.52
C ARG B 64 -4.96 -64.84 3.00
N ALA B 65 -6.14 -65.08 3.56
CA ALA B 65 -6.36 -64.79 4.98
C ALA B 65 -5.49 -65.70 5.85
N LYS B 66 -5.19 -66.89 5.34
CA LYS B 66 -4.37 -67.85 6.09
C LYS B 66 -2.89 -67.48 6.06
N LYS B 67 -2.48 -66.69 5.09
CA LYS B 67 -1.07 -66.32 5.00
C LYS B 67 -0.74 -64.85 5.22
N MET B 68 -1.71 -64.11 5.73
CA MET B 68 -1.51 -62.69 6.01
C MET B 68 -2.17 -62.35 7.32
N GLU B 69 -1.69 -61.30 7.97
CA GLU B 69 -2.26 -60.86 9.23
C GLU B 69 -3.64 -60.29 8.96
N ASN B 70 -3.77 -59.63 7.81
CA ASN B 70 -5.03 -59.03 7.37
C ASN B 70 -5.07 -59.17 5.85
N TRP B 71 -6.00 -59.97 5.33
CA TRP B 71 -6.04 -60.17 3.90
C TRP B 71 -6.30 -58.93 3.05
N LEU B 72 -6.97 -57.93 3.62
CA LEU B 72 -7.31 -56.71 2.89
C LEU B 72 -6.35 -55.52 3.01
N SER B 73 -5.63 -55.44 4.14
CA SER B 73 -4.72 -54.34 4.42
C SER B 73 -3.88 -53.75 3.29
N GLU B 74 -2.99 -54.57 2.74
CA GLU B 74 -2.13 -54.08 1.68
C GLU B 74 -2.93 -53.68 0.45
N TRP B 75 -3.89 -54.51 0.07
CA TRP B 75 -4.73 -54.21 -1.09
C TRP B 75 -5.46 -52.89 -0.96
N TRP B 76 -6.08 -52.65 0.19
CA TRP B 76 -6.82 -51.40 0.40
C TRP B 76 -5.94 -50.16 0.37
N LEU B 77 -4.82 -50.20 1.07
CA LEU B 77 -3.92 -49.05 1.11
C LEU B 77 -3.47 -48.68 -0.30
N LYS B 78 -3.17 -49.69 -1.10
CA LYS B 78 -2.70 -49.48 -2.47
C LYS B 78 -3.79 -48.91 -3.39
N THR B 79 -4.91 -49.59 -3.47
CA THR B 79 -5.99 -49.16 -4.36
C THR B 79 -6.68 -47.87 -3.90
N ALA B 80 -6.89 -47.70 -2.60
CA ALA B 80 -7.54 -46.50 -2.11
C ALA B 80 -6.64 -45.27 -2.10
N TYR B 81 -5.36 -45.44 -1.79
CA TYR B 81 -4.46 -44.29 -1.71
C TYR B 81 -3.17 -44.25 -2.54
N LEU B 82 -2.27 -45.21 -2.29
CA LEU B 82 -0.99 -45.22 -2.99
C LEU B 82 -1.08 -45.19 -4.51
N GLN B 83 -2.08 -45.86 -5.06
CA GLN B 83 -2.28 -45.89 -6.50
C GLN B 83 -3.25 -44.82 -6.98
N PHE B 84 -3.80 -44.04 -6.06
CA PHE B 84 -4.72 -42.97 -6.44
C PHE B 84 -3.81 -41.82 -6.85
N ARG B 85 -3.88 -41.45 -8.12
CA ARG B 85 -2.99 -40.41 -8.65
C ARG B 85 -3.48 -38.97 -8.64
N GLN B 86 -4.74 -38.74 -8.28
CA GLN B 86 -5.21 -37.36 -8.23
C GLN B 86 -4.47 -36.70 -7.07
N PRO B 87 -4.43 -35.35 -7.05
CA PRO B 87 -3.75 -34.64 -5.97
C PRO B 87 -4.31 -35.11 -4.62
N VAL B 88 -3.51 -35.04 -3.55
CA VAL B 88 -4.06 -35.46 -2.26
C VAL B 88 -4.94 -34.33 -1.75
N VAL B 89 -4.61 -33.11 -2.16
CA VAL B 89 -5.38 -31.95 -1.76
C VAL B 89 -6.80 -32.05 -2.32
N ILE B 90 -7.78 -31.84 -1.44
CA ILE B 90 -9.21 -31.89 -1.74
C ILE B 90 -9.74 -33.30 -2.02
N TYR B 91 -9.12 -34.00 -2.95
CA TYR B 91 -9.53 -35.34 -3.36
C TYR B 91 -9.23 -36.48 -2.38
N SER B 92 -8.32 -36.26 -1.44
CA SER B 92 -7.96 -37.33 -0.52
C SER B 92 -7.79 -36.94 0.95
N SER B 93 -6.96 -35.94 1.20
CA SER B 93 -6.66 -35.47 2.56
C SER B 93 -7.82 -34.72 3.21
N PRO B 94 -8.39 -35.28 4.28
CA PRO B 94 -9.51 -34.58 4.92
C PRO B 94 -9.07 -33.35 5.71
N GLY B 95 -9.90 -32.32 5.67
CA GLY B 95 -9.62 -31.11 6.41
C GLY B 95 -10.40 -31.14 7.70
N VAL B 96 -9.98 -30.31 8.65
CA VAL B 96 -10.65 -30.24 9.96
C VAL B 96 -10.70 -28.79 10.44
N ILE B 97 -11.88 -28.36 10.89
CA ILE B 97 -12.01 -27.02 11.43
C ILE B 97 -12.16 -27.23 12.93
N LEU B 98 -11.35 -26.53 13.71
CA LEU B 98 -11.42 -26.64 15.16
C LEU B 98 -12.09 -25.37 15.68
N PRO B 99 -12.46 -25.35 16.96
CA PRO B 99 -13.10 -24.16 17.54
C PRO B 99 -12.17 -22.96 17.42
N LYS B 100 -12.73 -21.81 17.06
CA LYS B 100 -11.93 -20.59 16.91
C LYS B 100 -11.38 -20.14 18.26
N GLN B 101 -10.11 -19.76 18.29
CA GLN B 101 -9.48 -19.31 19.53
C GLN B 101 -9.69 -17.82 19.71
N ASP B 102 -9.46 -17.33 20.91
CA ASP B 102 -9.67 -15.91 21.21
C ASP B 102 -8.50 -14.95 21.02
N PHE B 103 -7.29 -15.47 20.82
CA PHE B 103 -6.15 -14.56 20.66
C PHE B 103 -6.42 -13.50 19.59
N VAL B 104 -5.93 -12.28 19.83
CA VAL B 104 -6.16 -11.19 18.90
C VAL B 104 -4.88 -10.54 18.38
N ASP B 105 -3.73 -11.04 18.82
CA ASP B 105 -2.44 -10.51 18.38
C ASP B 105 -1.44 -11.63 18.16
N LEU B 106 -0.29 -11.28 17.60
CA LEU B 106 0.77 -12.24 17.32
C LEU B 106 1.16 -13.04 18.54
N GLN B 107 1.32 -12.38 19.67
CA GLN B 107 1.68 -13.07 20.91
C GLN B 107 0.69 -14.16 21.28
N GLY B 108 -0.60 -13.86 21.12
CA GLY B 108 -1.63 -14.83 21.44
C GLY B 108 -1.65 -15.97 20.44
N GLN B 109 -1.40 -15.67 19.17
CA GLN B 109 -1.41 -16.70 18.16
C GLN B 109 -0.31 -17.71 18.46
N LEU B 110 0.89 -17.20 18.73
CA LEU B 110 2.04 -18.06 19.01
C LEU B 110 1.88 -18.80 20.35
N ARG B 111 1.21 -18.14 21.29
CA ARG B 111 0.98 -18.72 22.59
C ARG B 111 0.10 -19.95 22.42
N PHE B 112 -0.95 -19.82 21.60
CA PHE B 112 -1.82 -20.96 21.37
C PHE B 112 -1.07 -22.06 20.62
N ALA B 113 -0.31 -21.67 19.59
CA ALA B 113 0.45 -22.66 18.82
C ALA B 113 1.41 -23.42 19.74
N ALA B 114 2.03 -22.71 20.68
CA ALA B 114 2.96 -23.37 21.60
C ALA B 114 2.21 -24.39 22.48
N LYS B 115 1.03 -24.03 22.95
CA LYS B 115 0.22 -24.91 23.79
C LYS B 115 -0.27 -26.11 23.00
N LEU B 116 -0.61 -25.88 21.74
CA LEU B 116 -1.09 -26.95 20.89
C LEU B 116 0.04 -27.95 20.69
N ILE B 117 1.24 -27.45 20.40
CA ILE B 117 2.39 -28.31 20.21
C ILE B 117 2.61 -29.15 21.47
N GLU B 118 2.61 -28.49 22.63
CA GLU B 118 2.81 -29.18 23.89
C GLU B 118 1.78 -30.30 24.07
N GLY B 119 0.53 -30.00 23.71
CA GLY B 119 -0.53 -30.99 23.83
C GLY B 119 -0.31 -32.19 22.93
N VAL B 120 0.24 -31.96 21.74
CA VAL B 120 0.47 -33.09 20.85
C VAL B 120 1.56 -33.96 21.44
N LEU B 121 2.59 -33.33 22.00
CA LEU B 121 3.69 -34.08 22.61
C LEU B 121 3.18 -34.89 23.80
N ASP B 122 2.20 -34.31 24.52
CA ASP B 122 1.64 -35.01 25.68
C ASP B 122 0.91 -36.27 25.21
N PHE B 123 0.23 -36.16 24.07
CA PHE B 123 -0.49 -37.31 23.52
C PHE B 123 0.54 -38.34 23.06
N LYS B 124 1.58 -37.85 22.41
CA LYS B 124 2.65 -38.70 21.90
C LYS B 124 3.33 -39.55 22.98
N SER B 125 3.43 -39.03 24.20
CA SER B 125 4.06 -39.78 25.27
C SER B 125 3.30 -41.10 25.49
N MET B 126 1.99 -41.09 25.31
CA MET B 126 1.19 -42.30 25.48
C MET B 126 1.47 -43.27 24.36
N ILE B 127 1.73 -42.75 23.17
CA ILE B 127 2.04 -43.58 22.03
C ILE B 127 3.42 -44.21 22.21
N ASP B 128 4.40 -43.39 22.60
CA ASP B 128 5.77 -43.89 22.79
C ASP B 128 5.87 -44.92 23.92
N ASN B 129 5.08 -44.71 24.97
CA ASN B 129 5.09 -45.61 26.13
C ASN B 129 4.08 -46.75 25.99
N GLU B 130 3.31 -46.72 24.90
CA GLU B 130 2.31 -47.75 24.66
C GLU B 130 1.30 -47.80 25.82
N THR B 131 0.85 -46.63 26.25
CA THR B 131 -0.09 -46.55 27.35
C THR B 131 -1.44 -45.98 26.93
N LEU B 132 -1.65 -45.92 25.62
CA LEU B 132 -2.90 -45.39 25.08
C LEU B 132 -4.06 -46.28 25.52
N PRO B 133 -5.09 -45.70 26.15
CA PRO B 133 -6.26 -46.43 26.62
C PRO B 133 -6.93 -47.28 25.53
N VAL B 134 -7.43 -48.45 25.91
CA VAL B 134 -8.09 -49.32 24.96
C VAL B 134 -9.45 -48.76 24.58
N GLU B 135 -9.73 -48.75 23.29
CA GLU B 135 -10.99 -48.23 22.78
C GLU B 135 -11.93 -49.37 22.39
N PHE B 136 -13.23 -49.11 22.44
CA PHE B 136 -14.20 -50.13 22.09
C PHE B 136 -15.23 -49.63 21.08
N LEU B 137 -15.83 -50.58 20.37
CA LEU B 137 -16.84 -50.26 19.37
C LEU B 137 -17.70 -51.52 19.26
N GLY B 138 -18.88 -51.47 19.87
CA GLY B 138 -19.77 -52.62 19.85
C GLY B 138 -19.42 -53.55 21.00
N GLY B 139 -18.72 -53.01 21.99
CA GLY B 139 -18.33 -53.79 23.16
C GLY B 139 -17.02 -54.54 22.93
N GLN B 140 -16.46 -54.41 21.73
CA GLN B 140 -15.22 -55.09 21.39
C GLN B 140 -14.03 -54.12 21.35
N PRO B 141 -12.84 -54.58 21.78
CA PRO B 141 -11.65 -53.73 21.77
C PRO B 141 -11.25 -53.45 20.33
N LEU B 142 -10.58 -52.32 20.13
CA LEU B 142 -10.18 -51.93 18.80
C LEU B 142 -8.69 -51.91 18.54
N CYS B 143 -8.36 -52.10 17.27
CA CYS B 143 -6.99 -52.07 16.79
C CYS B 143 -6.48 -50.64 17.04
N MET B 144 -5.23 -50.52 17.49
CA MET B 144 -4.65 -49.21 17.77
C MET B 144 -3.51 -48.90 16.82
N ASN B 145 -3.34 -49.74 15.81
CA ASN B 145 -2.25 -49.57 14.85
C ASN B 145 -2.17 -48.19 14.22
N GLN B 146 -3.31 -47.63 13.88
CA GLN B 146 -3.32 -46.32 13.24
C GLN B 146 -2.61 -45.24 14.06
N TYR B 147 -2.66 -45.34 15.38
CA TYR B 147 -1.98 -44.37 16.23
C TYR B 147 -0.47 -44.40 16.02
N TYR B 148 0.05 -45.54 15.56
CA TYR B 148 1.48 -45.66 15.34
C TYR B 148 1.89 -45.34 13.90
N GLN B 149 1.02 -44.65 13.17
CA GLN B 149 1.33 -44.29 11.79
C GLN B 149 1.16 -42.79 11.56
N ILE B 150 0.52 -42.08 12.49
CA ILE B 150 0.29 -40.65 12.28
C ILE B 150 1.40 -39.67 12.60
N LEU B 151 2.25 -40.00 13.56
CA LEU B 151 3.34 -39.11 13.94
C LEU B 151 4.65 -39.50 13.28
N SER B 152 5.48 -38.49 13.01
CA SER B 152 6.80 -38.72 12.43
C SER B 152 6.72 -39.56 11.17
N SER B 153 5.75 -39.25 10.31
CA SER B 153 5.56 -39.98 9.07
C SER B 153 5.24 -39.02 7.93
N CYS B 154 5.30 -39.53 6.71
CA CYS B 154 5.06 -38.70 5.56
C CYS B 154 4.87 -39.59 4.35
N ARG B 155 4.08 -39.11 3.41
CA ARG B 155 3.82 -39.83 2.18
C ARG B 155 4.94 -39.40 1.26
N VAL B 156 5.37 -40.31 0.39
CA VAL B 156 6.43 -40.02 -0.55
C VAL B 156 5.96 -40.29 -1.97
N PRO B 157 6.11 -39.30 -2.87
CA PRO B 157 5.70 -39.40 -4.27
C PRO B 157 6.51 -40.46 -5.00
N GLY B 158 5.84 -41.31 -5.76
CA GLY B 158 6.53 -42.34 -6.51
C GLY B 158 6.04 -42.25 -7.95
N PRO B 159 6.88 -42.57 -8.95
CA PRO B 159 6.50 -42.50 -10.36
C PRO B 159 5.35 -43.42 -10.78
N LYS B 160 5.19 -44.54 -10.08
CA LYS B 160 4.13 -45.51 -10.38
C LYS B 160 3.06 -45.49 -9.29
N GLN B 161 3.50 -45.58 -8.03
CA GLN B 161 2.58 -45.53 -6.90
C GLN B 161 3.37 -44.86 -5.77
N ASP B 162 2.67 -44.29 -4.81
CA ASP B 162 3.37 -43.59 -3.73
C ASP B 162 3.78 -44.55 -2.61
N SER B 163 4.54 -44.04 -1.67
CA SER B 163 4.97 -44.82 -0.53
C SER B 163 4.87 -43.94 0.71
N VAL B 164 5.09 -44.53 1.88
CA VAL B 164 5.02 -43.81 3.14
C VAL B 164 6.24 -44.16 3.98
N VAL B 165 6.82 -43.17 4.64
CA VAL B 165 7.96 -43.39 5.52
C VAL B 165 7.43 -43.16 6.93
N ASN B 166 7.92 -43.94 7.89
CA ASN B 166 7.48 -43.85 9.28
C ASN B 166 8.73 -43.94 10.17
N PHE B 167 9.09 -42.82 10.81
CA PHE B 167 10.28 -42.76 11.65
C PHE B 167 10.00 -42.84 13.14
N LEU B 168 8.74 -43.10 13.51
CA LEU B 168 8.37 -43.18 14.91
C LEU B 168 9.24 -44.10 15.75
N LYS B 169 9.53 -45.29 15.20
CA LYS B 169 10.33 -46.27 15.91
C LYS B 169 11.71 -46.49 15.31
N SER B 170 12.27 -45.47 14.67
CA SER B 170 13.60 -45.61 14.09
C SER B 170 14.62 -45.71 15.21
N LYS B 171 15.88 -45.96 14.88
CA LYS B 171 16.93 -46.06 15.89
C LYS B 171 17.03 -44.75 16.65
N ARG B 172 17.12 -43.64 15.92
CA ARG B 172 17.19 -42.32 16.52
C ARG B 172 15.93 -41.57 16.10
N PRO B 173 14.80 -41.83 16.78
CA PRO B 173 13.50 -41.20 16.51
C PRO B 173 13.57 -39.68 16.46
N PRO B 174 12.84 -39.08 15.51
CA PRO B 174 12.84 -37.62 15.39
C PRO B 174 12.40 -36.94 16.69
N THR B 175 13.03 -35.81 17.00
CA THR B 175 12.69 -35.06 18.21
C THR B 175 12.23 -33.66 17.81
N HIS B 176 12.05 -33.46 16.51
CA HIS B 176 11.64 -32.15 16.00
C HIS B 176 10.35 -32.15 15.20
N ILE B 177 9.73 -30.97 15.15
CA ILE B 177 8.55 -30.79 14.34
C ILE B 177 9.02 -29.79 13.30
N THR B 178 8.17 -29.50 12.33
CA THR B 178 8.50 -28.49 11.36
C THR B 178 7.48 -27.40 11.56
N VAL B 179 7.88 -26.17 11.25
CA VAL B 179 7.01 -25.01 11.38
C VAL B 179 7.16 -24.25 10.08
N VAL B 180 6.04 -23.85 9.50
CA VAL B 180 6.01 -23.11 8.25
C VAL B 180 5.36 -21.75 8.49
N HIS B 181 6.05 -20.70 8.08
CA HIS B 181 5.58 -19.33 8.22
C HIS B 181 6.01 -18.62 6.95
N ASN B 182 5.07 -17.94 6.29
CA ASN B 182 5.37 -17.25 5.04
C ASN B 182 6.07 -18.17 4.02
N TYR B 183 5.64 -19.43 3.96
CA TYR B 183 6.18 -20.42 3.03
C TYR B 183 7.56 -20.97 3.39
N GLN B 184 8.09 -20.50 4.51
CA GLN B 184 9.42 -20.92 4.96
C GLN B 184 9.36 -21.99 6.05
N PHE B 185 10.07 -23.09 5.83
CA PHE B 185 10.11 -24.19 6.78
C PHE B 185 11.29 -24.12 7.74
N PHE B 186 11.01 -24.51 8.99
CA PHE B 186 12.01 -24.52 10.06
C PHE B 186 11.94 -25.84 10.83
N GLU B 187 13.12 -26.31 11.21
CA GLU B 187 13.26 -27.53 11.99
C GLU B 187 13.32 -27.10 13.46
N LEU B 188 12.34 -27.51 14.26
CA LEU B 188 12.29 -27.13 15.66
C LEU B 188 12.33 -28.31 16.61
N ASP B 189 13.43 -28.46 17.36
CA ASP B 189 13.49 -29.56 18.31
C ASP B 189 12.48 -29.24 19.41
N VAL B 190 11.70 -30.23 19.82
CA VAL B 190 10.71 -30.03 20.87
C VAL B 190 11.03 -30.85 22.11
N TYR B 191 12.25 -31.40 22.15
CA TYR B 191 12.74 -32.18 23.27
C TYR B 191 14.15 -31.70 23.60
N HIS B 192 14.47 -31.67 24.90
CA HIS B 192 15.80 -31.26 25.32
C HIS B 192 16.72 -32.44 25.14
N SER B 193 18.02 -32.16 25.24
CA SER B 193 19.02 -33.21 25.10
C SER B 193 18.75 -34.35 26.08
N ASP B 194 18.29 -34.03 27.28
CA ASP B 194 18.02 -35.06 28.29
C ASP B 194 16.75 -35.87 28.06
N GLY B 195 16.08 -35.65 26.94
CA GLY B 195 14.87 -36.40 26.65
C GLY B 195 13.56 -35.75 27.09
N THR B 196 13.64 -34.78 27.98
CA THR B 196 12.43 -34.12 28.45
C THR B 196 11.89 -33.17 27.40
N PRO B 197 10.57 -33.11 27.26
CA PRO B 197 9.99 -32.21 26.27
C PRO B 197 10.10 -30.75 26.64
N LEU B 198 10.16 -29.88 25.64
CA LEU B 198 10.21 -28.46 25.90
C LEU B 198 8.86 -28.05 26.48
N THR B 199 8.86 -27.00 27.28
CA THR B 199 7.65 -26.48 27.89
C THR B 199 6.97 -25.58 26.88
N SER B 200 5.69 -25.28 27.09
CA SER B 200 4.97 -24.42 26.16
C SER B 200 5.65 -23.05 26.10
N ASP B 201 6.15 -22.60 27.25
CA ASP B 201 6.82 -21.31 27.31
C ASP B 201 8.13 -21.35 26.50
N GLN B 202 8.85 -22.47 26.58
CA GLN B 202 10.09 -22.60 25.83
C GLN B 202 9.79 -22.70 24.33
N ILE B 203 8.70 -23.38 24.00
CA ILE B 203 8.26 -23.52 22.61
C ILE B 203 7.93 -22.12 22.08
N PHE B 204 7.22 -21.33 22.89
CA PHE B 204 6.85 -19.98 22.53
C PHE B 204 8.09 -19.16 22.11
N VAL B 205 9.13 -19.21 22.93
CA VAL B 205 10.38 -18.51 22.66
C VAL B 205 10.93 -18.90 21.30
N GLN B 206 10.88 -20.19 20.99
CA GLN B 206 11.36 -20.70 19.72
C GLN B 206 10.48 -20.22 18.57
N LEU B 207 9.17 -20.22 18.77
CA LEU B 207 8.26 -19.76 17.73
C LEU B 207 8.54 -18.30 17.41
N GLU B 208 8.89 -17.50 18.41
CA GLU B 208 9.18 -16.09 18.16
C GLU B 208 10.38 -15.96 17.23
N LYS B 209 11.43 -16.73 17.52
CA LYS B 209 12.64 -16.67 16.69
C LYS B 209 12.29 -17.03 15.25
N ILE B 210 11.53 -18.10 15.09
CA ILE B 210 11.11 -18.56 13.78
C ILE B 210 10.34 -17.46 13.04
N TRP B 211 9.33 -16.91 13.70
CA TRP B 211 8.53 -15.83 13.12
C TRP B 211 9.42 -14.68 12.62
N ASN B 212 10.28 -14.17 13.49
CA ASN B 212 11.15 -13.07 13.11
C ASN B 212 12.18 -13.43 12.06
N SER B 213 12.35 -14.72 11.80
CA SER B 213 13.30 -15.18 10.80
C SER B 213 12.62 -15.43 9.45
N SER B 214 11.34 -15.10 9.34
CA SER B 214 10.60 -15.29 8.10
C SER B 214 9.52 -14.24 7.97
N LEU B 215 9.89 -13.00 8.29
CA LEU B 215 8.96 -11.87 8.24
C LEU B 215 8.44 -11.54 6.85
N GLN B 216 9.29 -11.70 5.83
CA GLN B 216 8.86 -11.40 4.48
C GLN B 216 8.51 -12.64 3.68
N SER B 217 7.75 -12.46 2.61
CA SER B 217 7.36 -13.56 1.76
C SER B 217 8.12 -13.48 0.45
N ASN B 218 9.43 -13.29 0.53
CA ASN B 218 10.25 -13.20 -0.67
C ASN B 218 10.91 -14.54 -0.95
N LYS B 219 10.14 -15.61 -0.81
CA LYS B 219 10.63 -16.95 -1.05
C LYS B 219 9.58 -17.75 -1.81
N GLU B 220 10.03 -18.56 -2.76
CA GLU B 220 9.14 -19.38 -3.56
C GLU B 220 8.41 -20.39 -2.68
N PRO B 221 7.12 -20.60 -2.92
CA PRO B 221 6.36 -21.57 -2.12
C PRO B 221 6.59 -22.99 -2.61
N VAL B 222 7.75 -23.54 -2.24
CA VAL B 222 8.12 -24.89 -2.62
C VAL B 222 7.06 -25.90 -2.19
N GLY B 223 6.47 -25.67 -1.03
CA GLY B 223 5.46 -26.58 -0.52
C GLY B 223 4.24 -26.76 -1.39
N ILE B 224 3.93 -25.76 -2.20
CA ILE B 224 2.76 -25.84 -3.08
C ILE B 224 2.91 -26.97 -4.11
N LEU B 225 4.13 -27.45 -4.30
CA LEU B 225 4.40 -28.53 -5.24
C LEU B 225 3.67 -29.79 -4.78
N THR B 226 3.53 -29.95 -3.47
CA THR B 226 2.86 -31.13 -2.92
C THR B 226 1.35 -31.19 -3.18
N SER B 227 0.78 -30.14 -3.76
CA SER B 227 -0.66 -30.12 -4.03
C SER B 227 -1.01 -30.59 -5.44
N ASN B 228 0.01 -30.85 -6.24
CA ASN B 228 -0.21 -31.26 -7.63
C ASN B 228 -0.54 -32.75 -7.84
N HIS B 229 -0.90 -33.08 -9.07
CA HIS B 229 -1.25 -34.45 -9.45
C HIS B 229 -0.04 -35.32 -9.08
N ARG B 230 -0.29 -36.52 -8.56
CA ARG B 230 0.81 -37.38 -8.14
C ARG B 230 1.84 -37.72 -9.22
N ASN B 231 1.40 -37.87 -10.48
CA ASN B 231 2.35 -38.15 -11.56
C ASN B 231 3.28 -36.93 -11.69
N THR B 232 2.66 -35.76 -11.75
CA THR B 232 3.40 -34.50 -11.87
C THR B 232 4.35 -34.28 -10.69
N TRP B 233 3.81 -34.43 -9.48
CA TRP B 233 4.61 -34.25 -8.25
C TRP B 233 5.74 -35.27 -8.15
N ALA B 234 5.52 -36.50 -8.60
CA ALA B 234 6.58 -37.50 -8.53
C ALA B 234 7.81 -37.04 -9.31
N LYS B 235 7.58 -36.49 -10.50
CA LYS B 235 8.68 -36.01 -11.33
C LYS B 235 9.31 -34.75 -10.72
N ALA B 236 8.48 -33.80 -10.30
CA ALA B 236 9.00 -32.57 -9.70
C ALA B 236 9.77 -32.84 -8.41
N TYR B 237 9.30 -33.84 -7.66
CA TYR B 237 9.93 -34.23 -6.41
C TYR B 237 11.31 -34.77 -6.68
N ASN B 238 11.37 -35.78 -7.54
CA ASN B 238 12.63 -36.41 -7.91
C ASN B 238 13.66 -35.36 -8.34
N ASN B 239 13.20 -34.34 -9.06
CA ASN B 239 14.09 -33.28 -9.51
C ASN B 239 14.48 -32.37 -8.35
N LEU B 240 13.52 -32.08 -7.49
CA LEU B 240 13.73 -31.22 -6.34
C LEU B 240 14.85 -31.74 -5.44
N ILE B 241 14.82 -33.04 -5.15
CA ILE B 241 15.82 -33.64 -4.28
C ILE B 241 17.17 -33.97 -4.93
N LYS B 242 17.41 -33.47 -6.13
CA LYS B 242 18.68 -33.71 -6.79
C LYS B 242 19.75 -32.90 -6.04
N ASP B 243 19.36 -31.71 -5.60
CA ASP B 243 20.26 -30.83 -4.86
C ASP B 243 20.34 -31.34 -3.41
N LYS B 244 21.55 -31.52 -2.88
CA LYS B 244 21.72 -32.04 -1.52
C LYS B 244 21.05 -31.18 -0.43
N VAL B 245 21.08 -29.87 -0.59
CA VAL B 245 20.47 -28.99 0.38
C VAL B 245 18.96 -29.21 0.38
N ASN B 246 18.37 -29.20 -0.81
CA ASN B 246 16.92 -29.42 -0.93
C ASN B 246 16.57 -30.79 -0.35
N ARG B 247 17.42 -31.77 -0.63
CA ARG B 247 17.18 -33.12 -0.15
C ARG B 247 17.18 -33.17 1.38
N GLU B 248 18.03 -32.35 2.00
CA GLU B 248 18.11 -32.31 3.46
C GLU B 248 16.88 -31.62 4.05
N SER B 249 16.41 -30.56 3.39
CA SER B 249 15.24 -29.83 3.87
C SER B 249 14.00 -30.74 3.77
N VAL B 250 13.87 -31.46 2.67
CA VAL B 250 12.74 -32.37 2.51
C VAL B 250 12.84 -33.49 3.54
N ASN B 251 14.05 -34.00 3.74
CA ASN B 251 14.26 -35.08 4.69
C ASN B 251 13.82 -34.67 6.10
N SER B 252 14.12 -33.45 6.50
CA SER B 252 13.75 -32.95 7.82
C SER B 252 12.22 -32.87 7.91
N ILE B 253 11.60 -32.38 6.86
CA ILE B 253 10.15 -32.26 6.86
C ILE B 253 9.51 -33.65 6.96
N GLN B 254 9.98 -34.60 6.15
CA GLN B 254 9.41 -35.94 6.18
C GLN B 254 9.55 -36.62 7.53
N LYS B 255 10.67 -36.40 8.21
CA LYS B 255 10.88 -37.01 9.52
C LYS B 255 10.20 -36.30 10.69
N SER B 256 9.94 -34.99 10.56
CA SER B 256 9.32 -34.24 11.65
C SER B 256 8.10 -34.92 12.27
N ILE B 257 7.98 -34.83 13.61
CA ILE B 257 6.86 -35.44 14.32
C ILE B 257 5.55 -34.98 13.68
N PHE B 258 5.47 -33.70 13.33
CA PHE B 258 4.30 -33.14 12.67
C PHE B 258 4.64 -31.72 12.23
N THR B 259 3.76 -31.11 11.44
CA THR B 259 4.01 -29.77 10.96
C THR B 259 2.98 -28.79 11.52
N VAL B 260 3.44 -27.59 11.83
CA VAL B 260 2.57 -26.53 12.33
C VAL B 260 2.70 -25.41 11.32
N CYS B 261 1.55 -24.97 10.82
CA CYS B 261 1.47 -23.91 9.82
C CYS B 261 0.96 -22.63 10.47
N LEU B 262 1.79 -21.60 10.50
CA LEU B 262 1.38 -20.32 11.07
C LEU B 262 0.94 -19.48 9.88
N ASP B 263 -0.37 -19.48 9.61
CA ASP B 263 -0.92 -18.78 8.47
C ASP B 263 -0.95 -17.25 8.57
N LYS B 264 -0.93 -16.61 7.40
CA LYS B 264 -0.94 -15.17 7.31
C LYS B 264 -2.34 -14.59 7.22
N GLN B 265 -2.44 -13.28 7.41
CA GLN B 265 -3.73 -12.60 7.35
C GLN B 265 -4.34 -12.75 5.96
N VAL B 266 -5.66 -12.95 5.93
CA VAL B 266 -6.37 -13.07 4.67
C VAL B 266 -7.51 -12.06 4.62
N PRO B 267 -7.94 -11.67 3.42
CA PRO B 267 -9.03 -10.71 3.22
C PRO B 267 -10.30 -11.02 4.01
N ARG B 268 -11.05 -9.96 4.30
CA ARG B 268 -12.32 -10.05 5.03
C ARG B 268 -13.43 -10.52 4.09
N VAL B 269 -14.38 -11.27 4.63
CA VAL B 269 -15.50 -11.78 3.84
C VAL B 269 -16.78 -11.72 4.65
N SER B 270 -17.91 -11.77 3.96
CA SER B 270 -19.23 -11.75 4.60
C SER B 270 -19.28 -12.82 5.69
N ASP B 271 -19.90 -12.49 6.82
CA ASP B 271 -20.00 -13.44 7.91
C ASP B 271 -20.67 -14.75 7.52
N ASP B 272 -21.63 -14.69 6.59
CA ASP B 272 -22.33 -15.88 6.15
C ASP B 272 -21.47 -16.87 5.37
N VAL B 273 -20.39 -16.37 4.75
CA VAL B 273 -19.49 -17.23 3.99
C VAL B 273 -18.17 -17.45 4.71
N TYR B 274 -18.04 -16.86 5.89
CA TYR B 274 -16.82 -16.98 6.69
C TYR B 274 -16.42 -18.43 6.95
N ARG B 275 -17.29 -19.20 7.60
CA ARG B 275 -16.99 -20.58 7.92
C ARG B 275 -16.64 -21.40 6.67
N ASN B 276 -17.25 -21.07 5.54
CA ASN B 276 -16.94 -21.79 4.31
C ASN B 276 -15.53 -21.43 3.84
N HIS B 277 -15.14 -20.18 4.07
CA HIS B 277 -13.81 -19.73 3.66
C HIS B 277 -12.75 -20.38 4.54
N VAL B 278 -13.05 -20.51 5.83
CA VAL B 278 -12.14 -21.13 6.76
C VAL B 278 -11.97 -22.60 6.37
N ALA B 279 -13.08 -23.25 6.00
CA ALA B 279 -13.00 -24.65 5.59
C ALA B 279 -12.01 -24.77 4.43
N GLY B 280 -12.09 -23.84 3.49
CA GLY B 280 -11.18 -23.85 2.36
C GLY B 280 -9.73 -23.69 2.81
N GLN B 281 -9.50 -22.78 3.75
CA GLN B 281 -8.16 -22.54 4.26
C GLN B 281 -7.58 -23.84 4.83
N MET B 282 -8.39 -24.57 5.60
CA MET B 282 -7.94 -25.82 6.21
C MET B 282 -7.79 -26.97 5.23
N LEU B 283 -8.64 -27.01 4.21
CA LEU B 283 -8.59 -28.10 3.24
C LEU B 283 -7.49 -27.94 2.19
N HIS B 284 -7.37 -26.74 1.61
CA HIS B 284 -6.40 -26.50 0.57
C HIS B 284 -5.51 -25.27 0.72
N GLY B 285 -5.79 -24.40 1.69
CA GLY B 285 -4.96 -23.23 1.90
C GLY B 285 -5.46 -21.94 1.27
N GLY B 286 -6.48 -22.05 0.42
CA GLY B 286 -7.04 -20.87 -0.19
C GLY B 286 -6.41 -20.36 -1.48
N GLY B 287 -5.23 -20.84 -1.84
CA GLY B 287 -4.61 -20.38 -3.07
C GLY B 287 -3.16 -19.94 -2.94
N SER B 288 -2.50 -19.76 -4.08
CA SER B 288 -1.10 -19.36 -4.11
C SER B 288 -0.83 -18.00 -3.49
N LYS B 289 -1.83 -17.13 -3.44
CA LYS B 289 -1.63 -15.81 -2.89
C LYS B 289 -2.01 -15.78 -1.41
N PHE B 290 -2.51 -16.90 -0.89
CA PHE B 290 -2.92 -16.98 0.51
C PHE B 290 -2.05 -17.90 1.38
N ASN B 291 -2.55 -19.10 1.70
CA ASN B 291 -1.79 -20.02 2.53
C ASN B 291 -1.52 -21.41 1.95
N SER B 292 -1.83 -21.62 0.69
CA SER B 292 -1.59 -22.93 0.10
C SER B 292 -0.10 -23.26 0.02
N GLY B 293 0.75 -22.25 0.01
CA GLY B 293 2.18 -22.48 -0.04
C GLY B 293 2.81 -22.66 1.34
N ASN B 294 2.01 -22.43 2.38
CA ASN B 294 2.47 -22.56 3.76
C ASN B 294 2.10 -23.97 4.21
N ARG B 295 2.36 -24.94 3.35
CA ARG B 295 2.01 -26.33 3.61
C ARG B 295 2.94 -27.36 2.96
N TRP B 296 2.86 -28.60 3.45
CA TRP B 296 3.57 -29.74 2.87
C TRP B 296 2.53 -30.85 2.95
N PHE B 297 1.69 -30.96 1.92
CA PHE B 297 0.61 -31.91 1.92
C PHE B 297 0.92 -33.39 1.94
N ASP B 298 2.19 -33.76 1.80
CA ASP B 298 2.56 -35.17 1.91
C ASP B 298 2.66 -35.49 3.39
N LYS B 299 2.82 -34.45 4.22
CA LYS B 299 2.94 -34.64 5.67
C LYS B 299 1.65 -35.21 6.28
N THR B 300 1.78 -36.26 7.08
CA THR B 300 0.63 -36.91 7.70
C THR B 300 -0.21 -35.96 8.55
N LEU B 301 0.42 -35.23 9.47
CA LEU B 301 -0.32 -34.30 10.32
C LEU B 301 0.13 -32.86 10.16
N GLN B 302 -0.80 -31.99 9.79
CA GLN B 302 -0.51 -30.57 9.66
C GLN B 302 -1.51 -29.79 10.48
N PHE B 303 -1.05 -29.10 11.50
CA PHE B 303 -1.92 -28.29 12.34
C PHE B 303 -1.80 -26.86 11.82
N ILE B 304 -2.94 -26.19 11.66
CA ILE B 304 -2.98 -24.84 11.12
C ILE B 304 -3.51 -23.84 12.14
N VAL B 305 -2.75 -22.78 12.37
CA VAL B 305 -3.14 -21.73 13.31
C VAL B 305 -3.19 -20.44 12.51
N ALA B 306 -4.41 -19.97 12.26
CA ALA B 306 -4.64 -18.77 11.48
C ALA B 306 -4.39 -17.50 12.29
N GLU B 307 -4.24 -16.41 11.56
CA GLU B 307 -3.98 -15.11 12.15
C GLU B 307 -5.17 -14.52 12.92
N ASP B 308 -6.39 -14.81 12.47
CA ASP B 308 -7.61 -14.29 13.10
C ASP B 308 -8.19 -15.13 14.23
N GLY B 309 -7.44 -16.13 14.67
CA GLY B 309 -7.93 -16.97 15.76
C GLY B 309 -8.43 -18.33 15.31
N SER B 310 -8.70 -18.47 14.01
CA SER B 310 -9.18 -19.74 13.48
C SER B 310 -8.07 -20.76 13.50
N CYS B 311 -8.44 -22.03 13.64
CA CYS B 311 -7.44 -23.07 13.65
C CYS B 311 -8.04 -24.37 13.17
N GLY B 312 -7.18 -25.27 12.71
CA GLY B 312 -7.65 -26.55 12.23
C GLY B 312 -6.50 -27.42 11.79
N MET B 313 -6.79 -28.35 10.89
CA MET B 313 -5.74 -29.24 10.41
C MET B 313 -6.15 -29.92 9.11
N VAL B 314 -5.20 -30.63 8.52
CA VAL B 314 -5.44 -31.38 7.30
C VAL B 314 -4.49 -32.56 7.44
N TYR B 315 -4.98 -33.77 7.19
CA TYR B 315 -4.13 -34.94 7.32
C TYR B 315 -4.10 -35.82 6.10
N GLU B 316 -2.95 -36.47 5.89
CA GLU B 316 -2.75 -37.36 4.76
C GLU B 316 -3.46 -38.66 5.14
N HIS B 317 -4.47 -39.00 4.35
CA HIS B 317 -5.33 -40.15 4.60
C HIS B 317 -4.75 -41.55 4.57
N ALA B 318 -3.60 -41.75 3.92
CA ALA B 318 -3.05 -43.11 3.86
C ALA B 318 -2.77 -43.68 5.26
N ALA B 319 -2.42 -42.80 6.20
CA ALA B 319 -2.10 -43.19 7.58
C ALA B 319 -3.24 -43.70 8.45
N ALA B 320 -4.41 -43.05 8.39
CA ALA B 320 -5.50 -43.49 9.24
C ALA B 320 -6.83 -42.86 8.88
N GLU B 321 -7.85 -43.22 9.65
CA GLU B 321 -9.18 -42.66 9.47
C GLU B 321 -9.36 -41.51 10.45
N GLY B 322 -10.55 -40.93 10.44
CA GLY B 322 -10.83 -39.82 11.32
C GLY B 322 -10.83 -40.07 12.82
N PRO B 323 -11.53 -41.11 13.31
CA PRO B 323 -11.55 -41.36 14.75
C PRO B 323 -10.20 -41.25 15.47
N PRO B 324 -9.16 -41.96 14.98
CA PRO B 324 -7.87 -41.85 15.65
C PRO B 324 -7.40 -40.39 15.68
N ILE B 325 -7.63 -39.69 14.59
CA ILE B 325 -7.25 -38.28 14.46
C ILE B 325 -7.99 -37.42 15.48
N VAL B 326 -9.30 -37.61 15.61
CA VAL B 326 -10.07 -36.81 16.56
C VAL B 326 -9.75 -37.16 18.00
N ALA B 327 -9.25 -38.37 18.25
CA ALA B 327 -8.89 -38.75 19.61
C ALA B 327 -7.74 -37.83 20.00
N LEU B 328 -6.82 -37.63 19.06
CA LEU B 328 -5.69 -36.76 19.30
C LEU B 328 -6.18 -35.32 19.46
N VAL B 329 -7.11 -34.91 18.61
CA VAL B 329 -7.68 -33.56 18.66
C VAL B 329 -8.29 -33.30 20.05
N ASP B 330 -9.17 -34.20 20.49
CA ASP B 330 -9.82 -34.05 21.78
C ASP B 330 -8.82 -33.92 22.92
N HIS B 331 -7.77 -34.73 22.88
CA HIS B 331 -6.74 -34.69 23.90
C HIS B 331 -5.99 -33.35 23.85
N VAL B 332 -5.63 -32.94 22.65
CA VAL B 332 -4.90 -31.69 22.45
C VAL B 332 -5.69 -30.45 22.85
N MET B 333 -6.93 -30.34 22.36
CA MET B 333 -7.76 -29.18 22.69
C MET B 333 -8.00 -29.08 24.20
N GLU B 334 -8.25 -30.21 24.86
CA GLU B 334 -8.47 -30.25 26.30
C GLU B 334 -7.20 -29.77 27.01
N TYR B 335 -6.06 -30.07 26.41
CA TYR B 335 -4.76 -29.68 26.98
C TYR B 335 -4.54 -28.17 26.91
N THR B 336 -4.91 -27.56 25.80
CA THR B 336 -4.75 -26.13 25.62
C THR B 336 -5.60 -25.35 26.62
N LYS B 337 -6.51 -26.04 27.29
CA LYS B 337 -7.38 -25.42 28.28
C LYS B 337 -6.90 -25.65 29.71
N LYS B 338 -5.78 -26.33 29.87
CA LYS B 338 -5.24 -26.59 31.20
C LYS B 338 -4.45 -25.38 31.68
N PRO B 339 -4.74 -24.93 32.91
CA PRO B 339 -4.09 -23.77 33.55
C PRO B 339 -2.57 -23.78 33.43
N GLU B 340 -1.98 -22.60 33.45
CA GLU B 340 -0.53 -22.46 33.36
C GLU B 340 0.16 -23.13 34.53
N LEU B 341 1.18 -23.94 34.23
CA LEU B 341 1.92 -24.68 35.25
C LEU B 341 3.23 -23.97 35.59
N VAL B 342 4.35 -24.68 35.39
CA VAL B 342 5.67 -24.15 35.68
C VAL B 342 5.87 -22.76 35.09
N ARG B 343 6.19 -21.80 35.95
CA ARG B 343 6.43 -20.41 35.54
C ARG B 343 7.88 -20.02 35.78
N SER B 344 8.73 -21.03 35.98
CA SER B 344 10.15 -20.81 36.24
C SER B 344 10.92 -20.40 34.98
N PRO B 345 11.99 -19.61 35.14
CA PRO B 345 12.82 -19.16 34.03
C PRO B 345 13.26 -20.31 33.13
N MET B 346 13.22 -20.08 31.83
CA MET B 346 13.58 -21.12 30.87
C MET B 346 15.06 -21.48 30.94
N VAL B 347 15.55 -22.09 29.87
CA VAL B 347 16.95 -22.49 29.79
C VAL B 347 17.46 -22.04 28.43
N PRO B 348 18.78 -22.03 28.24
CA PRO B 348 19.32 -21.61 26.94
C PRO B 348 18.75 -22.50 25.83
N LEU B 349 18.27 -21.89 24.76
CA LEU B 349 17.73 -22.67 23.64
C LEU B 349 18.44 -22.30 22.36
N PRO B 350 18.61 -23.28 21.46
CA PRO B 350 19.28 -23.01 20.19
C PRO B 350 18.37 -22.28 19.21
N MET B 351 18.93 -21.90 18.07
CA MET B 351 18.18 -21.21 17.04
C MET B 351 17.57 -22.25 16.12
N PRO B 352 16.24 -22.24 15.95
CA PRO B 352 15.62 -23.23 15.05
C PRO B 352 16.25 -23.11 13.65
N LYS B 353 16.57 -24.24 13.04
CA LYS B 353 17.20 -24.24 11.72
C LYS B 353 16.25 -24.01 10.55
N LYS B 354 16.54 -23.02 9.72
CA LYS B 354 15.70 -22.78 8.57
C LYS B 354 16.04 -23.83 7.53
N LEU B 355 15.02 -24.39 6.89
CA LEU B 355 15.18 -25.41 5.86
C LEU B 355 15.01 -24.73 4.51
N ARG B 356 16.12 -24.24 3.97
CA ARG B 356 16.14 -23.53 2.70
C ARG B 356 16.10 -24.44 1.49
N PHE B 357 15.76 -23.84 0.34
CA PHE B 357 15.71 -24.57 -0.92
C PHE B 357 16.45 -23.79 -1.99
N ASN B 358 17.21 -24.51 -2.82
CA ASN B 358 17.94 -23.88 -3.91
C ASN B 358 17.01 -23.96 -5.13
N ILE B 359 16.44 -22.82 -5.51
CA ILE B 359 15.51 -22.77 -6.63
C ILE B 359 16.16 -22.54 -7.99
N THR B 360 15.89 -23.44 -8.92
CA THR B 360 16.42 -23.34 -10.26
C THR B 360 15.27 -22.95 -11.20
N PRO B 361 15.57 -22.63 -12.46
CA PRO B 361 14.48 -22.27 -13.38
C PRO B 361 13.50 -23.43 -13.54
N GLU B 362 14.03 -24.66 -13.50
CA GLU B 362 13.17 -25.84 -13.65
C GLU B 362 12.24 -25.99 -12.45
N ILE B 363 12.78 -25.80 -11.24
CA ILE B 363 11.97 -25.91 -10.04
C ILE B 363 10.96 -24.78 -10.02
N LYS B 364 11.42 -23.60 -10.40
CA LYS B 364 10.54 -22.42 -10.46
C LYS B 364 9.35 -22.70 -11.37
N ASN B 365 9.62 -23.31 -12.52
CA ASN B 365 8.56 -23.63 -13.46
C ASN B 365 7.57 -24.63 -12.85
N ASP B 366 8.09 -25.60 -12.10
CA ASP B 366 7.22 -26.58 -11.47
C ASP B 366 6.32 -25.91 -10.45
N ILE B 367 6.88 -24.96 -9.72
CA ILE B 367 6.11 -24.23 -8.72
C ILE B 367 4.98 -23.46 -9.39
N GLU B 368 5.27 -22.79 -10.50
CA GLU B 368 4.23 -22.04 -11.21
C GLU B 368 3.15 -22.96 -11.75
N LYS B 369 3.55 -24.13 -12.25
CA LYS B 369 2.60 -25.08 -12.78
C LYS B 369 1.72 -25.59 -11.64
N ALA B 370 2.31 -25.78 -10.46
CA ALA B 370 1.54 -26.25 -9.32
C ALA B 370 0.53 -25.18 -8.92
N LYS B 371 0.91 -23.91 -9.02
CA LYS B 371 0.00 -22.82 -8.68
C LYS B 371 -1.21 -22.83 -9.60
N GLN B 372 -0.97 -23.02 -10.88
CA GLN B 372 -2.04 -23.06 -11.87
C GLN B 372 -2.98 -24.23 -11.63
N ASN B 373 -2.41 -25.41 -11.43
CA ASN B 373 -3.21 -26.59 -11.19
C ASN B 373 -4.10 -26.42 -9.96
N LEU B 374 -3.53 -25.94 -8.87
CA LEU B 374 -4.29 -25.74 -7.64
C LEU B 374 -5.38 -24.69 -7.80
N SER B 375 -5.10 -23.64 -8.56
CA SER B 375 -6.09 -22.58 -8.77
C SER B 375 -7.34 -23.18 -9.40
N ILE B 376 -7.15 -24.06 -10.37
CA ILE B 376 -8.26 -24.73 -11.04
C ILE B 376 -9.04 -25.62 -10.06
N MET B 377 -8.31 -26.33 -9.21
CA MET B 377 -8.94 -27.20 -8.21
C MET B 377 -9.82 -26.41 -7.25
N ILE B 378 -9.27 -25.33 -6.71
CA ILE B 378 -9.98 -24.49 -5.76
C ILE B 378 -11.21 -23.83 -6.40
N GLN B 379 -11.06 -23.33 -7.62
CA GLN B 379 -12.19 -22.70 -8.29
C GLN B 379 -13.32 -23.69 -8.54
N ASP B 380 -12.98 -24.96 -8.76
CA ASP B 380 -14.01 -25.97 -9.00
C ASP B 380 -14.63 -26.53 -7.72
N LEU B 381 -14.09 -26.16 -6.56
CA LEU B 381 -14.64 -26.67 -5.30
C LEU B 381 -15.76 -25.78 -4.74
N ASP B 382 -16.85 -26.43 -4.35
CA ASP B 382 -18.03 -25.78 -3.79
C ASP B 382 -18.30 -26.37 -2.41
N ILE B 383 -18.04 -25.58 -1.37
CA ILE B 383 -18.24 -26.03 -0.01
C ILE B 383 -19.32 -25.25 0.75
N MET B 384 -20.13 -26.00 1.50
CA MET B 384 -21.15 -25.39 2.33
C MET B 384 -21.11 -26.07 3.69
N MET B 385 -20.83 -25.26 4.69
CA MET B 385 -20.78 -25.73 6.07
C MET B 385 -22.14 -25.45 6.68
N LEU B 386 -22.69 -26.42 7.40
CA LEU B 386 -24.00 -26.27 8.02
C LEU B 386 -23.98 -26.66 9.48
N THR B 387 -24.29 -25.72 10.36
CA THR B 387 -24.36 -25.99 11.78
C THR B 387 -25.84 -26.23 12.08
N PHE B 388 -26.21 -27.49 12.25
CA PHE B 388 -27.60 -27.87 12.52
C PHE B 388 -27.85 -27.70 14.03
N HIS B 389 -28.36 -26.53 14.43
CA HIS B 389 -28.59 -26.25 15.84
C HIS B 389 -29.90 -26.79 16.39
N HIS B 390 -30.87 -27.06 15.51
CA HIS B 390 -32.18 -27.55 15.92
C HIS B 390 -32.12 -28.68 16.96
N PHE B 391 -31.30 -29.68 16.70
CA PHE B 391 -31.14 -30.79 17.63
C PHE B 391 -29.92 -31.63 17.26
N GLY B 392 -29.62 -32.63 18.08
CA GLY B 392 -28.47 -33.47 17.84
C GLY B 392 -28.83 -34.92 18.08
N LYS B 393 -27.99 -35.64 18.79
CA LYS B 393 -28.30 -37.04 19.08
C LYS B 393 -29.49 -37.14 20.01
N ASP B 394 -29.71 -36.11 20.82
CA ASP B 394 -30.81 -36.11 21.78
C ASP B 394 -32.17 -36.51 21.23
N PHE B 395 -32.61 -35.89 20.14
CA PHE B 395 -33.92 -36.23 19.60
C PHE B 395 -34.02 -37.67 19.12
N PRO B 396 -33.11 -38.10 18.23
CA PRO B 396 -33.21 -39.49 17.77
C PRO B 396 -33.20 -40.44 18.96
N LYS B 397 -32.34 -40.19 19.94
CA LYS B 397 -32.30 -41.09 21.09
C LYS B 397 -33.63 -41.12 21.83
N SER B 398 -34.28 -39.98 21.96
CA SER B 398 -35.56 -39.91 22.66
C SER B 398 -36.61 -40.74 21.91
N GLU B 399 -36.40 -40.92 20.62
CA GLU B 399 -37.32 -41.70 19.79
C GLU B 399 -36.87 -43.16 19.73
N LYS B 400 -35.80 -43.48 20.46
CA LYS B 400 -35.24 -44.84 20.50
C LYS B 400 -34.75 -45.21 19.11
N LEU B 401 -34.15 -44.24 18.44
CA LEU B 401 -33.63 -44.43 17.09
C LEU B 401 -32.16 -44.05 17.05
N SER B 402 -31.39 -44.81 16.28
CA SER B 402 -29.96 -44.53 16.14
C SER B 402 -29.82 -43.18 15.46
N PRO B 403 -29.07 -42.26 16.09
CA PRO B 403 -28.83 -40.92 15.56
C PRO B 403 -28.18 -40.97 14.18
N ASP B 404 -27.14 -41.80 14.02
CA ASP B 404 -26.47 -41.90 12.73
C ASP B 404 -27.43 -42.40 11.66
N ALA B 405 -28.19 -43.44 12.00
CA ALA B 405 -29.16 -43.99 11.06
C ALA B 405 -30.16 -42.89 10.69
N PHE B 406 -30.64 -42.16 11.69
CA PHE B 406 -31.61 -41.06 11.48
C PHE B 406 -31.04 -40.04 10.48
N ILE B 407 -29.79 -39.63 10.70
CA ILE B 407 -29.10 -38.66 9.84
C ILE B 407 -28.94 -39.19 8.40
N GLN B 408 -28.52 -40.45 8.28
CA GLN B 408 -28.33 -41.06 6.95
C GLN B 408 -29.67 -41.21 6.23
N VAL B 409 -30.73 -41.55 6.95
CA VAL B 409 -32.02 -41.67 6.30
C VAL B 409 -32.48 -40.27 5.86
N ALA B 410 -32.24 -39.27 6.70
CA ALA B 410 -32.60 -37.91 6.36
C ALA B 410 -31.88 -37.48 5.08
N LEU B 411 -30.62 -37.87 4.94
CA LEU B 411 -29.85 -37.50 3.75
C LEU B 411 -30.44 -38.17 2.51
N GLN B 412 -30.93 -39.39 2.67
CA GLN B 412 -31.53 -40.11 1.54
C GLN B 412 -32.80 -39.39 1.12
N LEU B 413 -33.53 -38.87 2.10
CA LEU B 413 -34.77 -38.15 1.83
C LEU B 413 -34.46 -36.85 1.11
N ALA B 414 -33.45 -36.16 1.60
CA ALA B 414 -33.03 -34.89 1.01
C ALA B 414 -32.64 -35.13 -0.45
N TYR B 415 -31.85 -36.16 -0.70
CA TYR B 415 -31.42 -36.45 -2.09
C TYR B 415 -32.62 -36.74 -3.00
N TYR B 416 -33.50 -37.63 -2.55
CA TYR B 416 -34.67 -37.99 -3.33
C TYR B 416 -35.52 -36.76 -3.69
N ARG B 417 -35.73 -35.87 -2.72
CA ARG B 417 -36.53 -34.69 -2.95
C ARG B 417 -35.94 -33.81 -4.04
N ILE B 418 -34.62 -33.81 -4.15
CA ILE B 418 -33.96 -33.01 -5.18
C ILE B 418 -33.89 -33.68 -6.54
N TYR B 419 -33.50 -34.95 -6.58
CA TYR B 419 -33.35 -35.65 -7.87
C TYR B 419 -34.44 -36.62 -8.31
N GLY B 420 -35.40 -36.92 -7.44
CA GLY B 420 -36.49 -37.82 -7.83
C GLY B 420 -36.13 -39.29 -7.87
N GLN B 421 -34.95 -39.64 -7.38
CA GLN B 421 -34.50 -41.02 -7.38
C GLN B 421 -33.39 -41.21 -6.36
N ALA B 422 -33.05 -42.45 -6.04
CA ALA B 422 -31.98 -42.71 -5.08
C ALA B 422 -30.65 -42.82 -5.81
N CYS B 423 -29.55 -42.80 -5.06
CA CYS B 423 -28.23 -42.94 -5.69
C CYS B 423 -27.29 -43.79 -4.81
N ALA B 424 -26.28 -44.37 -5.45
CA ALA B 424 -25.30 -45.17 -4.74
C ALA B 424 -24.78 -44.23 -3.65
N THR B 425 -24.85 -44.68 -2.41
CA THR B 425 -24.40 -43.91 -1.26
C THR B 425 -23.43 -44.71 -0.43
N TYR B 426 -22.32 -44.06 -0.06
CA TYR B 426 -21.26 -44.66 0.72
C TYR B 426 -21.16 -44.00 2.09
N GLU B 427 -21.07 -44.83 3.13
CA GLU B 427 -20.86 -44.34 4.49
C GLU B 427 -19.76 -45.20 5.11
N SER B 428 -18.75 -44.53 5.63
CA SER B 428 -17.64 -45.24 6.23
C SER B 428 -18.03 -46.03 7.47
N ALA B 429 -17.49 -47.25 7.56
CA ALA B 429 -17.72 -48.12 8.69
C ALA B 429 -16.35 -48.53 9.17
N SER B 430 -16.13 -48.48 10.47
CA SER B 430 -14.82 -48.84 11.00
C SER B 430 -14.69 -50.35 11.17
N LEU B 431 -13.57 -50.90 10.77
CA LEU B 431 -13.34 -52.33 10.91
C LEU B 431 -12.25 -52.56 11.95
N ARG B 432 -12.07 -51.58 12.83
CA ARG B 432 -11.04 -51.67 13.87
C ARG B 432 -11.18 -52.75 14.91
N MET B 433 -12.29 -53.48 14.93
CA MET B 433 -12.39 -54.54 15.92
C MET B 433 -11.50 -55.69 15.43
N PHE B 434 -11.03 -55.58 14.18
CA PHE B 434 -10.16 -56.60 13.62
C PHE B 434 -8.75 -56.08 13.51
N HIS B 435 -7.78 -56.97 13.68
CA HIS B 435 -6.38 -56.58 13.60
C HIS B 435 -6.05 -55.89 12.28
N LEU B 436 -5.56 -54.65 12.38
CA LEU B 436 -5.16 -53.82 11.25
C LEU B 436 -6.36 -53.36 10.41
N GLY B 437 -7.57 -53.57 10.94
CA GLY B 437 -8.76 -53.18 10.21
C GLY B 437 -8.84 -51.69 9.95
N ARG B 438 -9.34 -51.34 8.77
CA ARG B 438 -9.52 -49.95 8.40
C ARG B 438 -11.01 -49.70 8.27
N THR B 439 -11.56 -49.87 7.08
CA THR B 439 -12.99 -49.63 6.87
C THR B 439 -13.66 -50.57 5.88
N ASP B 440 -14.98 -50.53 5.89
CA ASP B 440 -15.80 -51.25 4.93
C ASP B 440 -16.92 -50.26 4.63
N THR B 441 -17.78 -50.60 3.67
CA THR B 441 -18.84 -49.72 3.24
C THR B 441 -20.25 -50.02 3.74
N ILE B 442 -20.91 -48.99 4.25
CA ILE B 442 -22.29 -49.12 4.69
C ILE B 442 -23.01 -48.42 3.54
N ARG B 443 -23.95 -49.11 2.90
CA ARG B 443 -24.68 -48.53 1.78
C ARG B 443 -26.04 -48.02 2.25
N SER B 444 -26.15 -46.69 2.36
CA SER B 444 -27.35 -46.01 2.83
C SER B 444 -28.57 -46.01 1.92
N ALA B 445 -28.37 -46.30 0.63
CA ALA B 445 -29.51 -46.36 -0.28
C ALA B 445 -29.94 -47.81 -0.19
N SER B 446 -31.14 -48.05 0.35
CA SER B 446 -31.63 -49.41 0.51
C SER B 446 -33.10 -49.52 0.10
N ILE B 447 -33.61 -50.74 0.09
CA ILE B 447 -35.00 -50.99 -0.26
C ILE B 447 -35.91 -50.27 0.72
N ASP B 448 -35.54 -50.29 2.00
CA ASP B 448 -36.34 -49.63 3.01
C ASP B 448 -36.19 -48.11 2.97
N SER B 449 -35.01 -47.61 2.62
CA SER B 449 -34.84 -46.16 2.57
C SER B 449 -35.65 -45.59 1.41
N LEU B 450 -35.65 -46.27 0.28
CA LEU B 450 -36.40 -45.82 -0.90
C LEU B 450 -37.90 -45.86 -0.62
N ALA B 451 -38.36 -46.92 0.03
CA ALA B 451 -39.78 -47.04 0.36
C ALA B 451 -40.19 -45.85 1.23
N PHE B 452 -39.32 -45.47 2.16
CA PHE B 452 -39.60 -44.35 3.04
C PHE B 452 -39.60 -43.00 2.34
N VAL B 453 -38.59 -42.74 1.52
CA VAL B 453 -38.53 -41.45 0.83
C VAL B 453 -39.71 -41.26 -0.11
N LYS B 454 -40.10 -42.32 -0.80
CA LYS B 454 -41.25 -42.24 -1.70
C LYS B 454 -42.53 -42.01 -0.89
N GLY B 455 -42.73 -42.83 0.15
CA GLY B 455 -43.92 -42.71 0.96
C GLY B 455 -44.06 -41.41 1.70
N MET B 456 -42.93 -40.84 2.10
CA MET B 456 -42.92 -39.58 2.82
C MET B 456 -43.67 -38.51 2.04
N GLY B 457 -43.50 -38.50 0.72
CA GLY B 457 -44.19 -37.52 -0.09
C GLY B 457 -45.38 -38.06 -0.86
N ASP B 458 -45.95 -39.17 -0.39
CA ASP B 458 -47.08 -39.81 -1.07
C ASP B 458 -48.39 -39.64 -0.27
N SER B 459 -49.40 -39.06 -0.90
CA SER B 459 -50.68 -38.85 -0.22
C SER B 459 -51.42 -40.15 0.11
N THR B 460 -51.24 -41.17 -0.71
CA THR B 460 -51.90 -42.45 -0.47
C THR B 460 -51.29 -43.17 0.72
N VAL B 461 -50.35 -42.50 1.39
CA VAL B 461 -49.69 -43.08 2.55
C VAL B 461 -49.98 -42.26 3.80
N PRO B 462 -50.83 -42.80 4.70
CA PRO B 462 -51.18 -42.11 5.95
C PRO B 462 -49.91 -41.78 6.73
N GLU B 463 -49.95 -40.69 7.49
CA GLU B 463 -48.79 -40.29 8.28
C GLU B 463 -48.28 -41.43 9.16
N GLN B 464 -49.19 -42.25 9.68
CA GLN B 464 -48.81 -43.37 10.54
C GLN B 464 -47.91 -44.34 9.77
N GLN B 465 -48.22 -44.54 8.50
CA GLN B 465 -47.43 -45.43 7.65
C GLN B 465 -46.07 -44.83 7.34
N LYS B 466 -46.03 -43.51 7.16
CA LYS B 466 -44.78 -42.83 6.87
C LYS B 466 -43.85 -43.06 8.06
N VAL B 467 -44.42 -43.01 9.25
CA VAL B 467 -43.66 -43.22 10.48
C VAL B 467 -43.16 -44.64 10.51
N GLU B 468 -44.03 -45.61 10.21
CA GLU B 468 -43.61 -47.00 10.20
C GLU B 468 -42.47 -47.18 9.19
N LEU B 469 -42.58 -46.53 8.04
CA LEU B 469 -41.55 -46.61 6.99
C LEU B 469 -40.23 -45.98 7.44
N LEU B 470 -40.34 -44.88 8.17
CA LEU B 470 -39.16 -44.19 8.68
C LEU B 470 -38.42 -45.10 9.65
N ARG B 471 -39.15 -45.68 10.59
CA ARG B 471 -38.52 -46.56 11.57
C ARG B 471 -37.89 -47.79 10.91
N LYS B 472 -38.59 -48.35 9.93
CA LYS B 472 -38.07 -49.51 9.22
C LYS B 472 -36.79 -49.16 8.45
N ALA B 473 -36.74 -47.96 7.89
CA ALA B 473 -35.54 -47.55 7.15
C ALA B 473 -34.38 -47.35 8.13
N VAL B 474 -34.68 -46.76 9.28
CA VAL B 474 -33.68 -46.53 10.31
C VAL B 474 -33.12 -47.85 10.82
N GLN B 475 -34.02 -48.79 11.15
CA GLN B 475 -33.57 -50.09 11.63
C GLN B 475 -32.73 -50.85 10.61
N ALA B 476 -33.10 -50.74 9.34
CA ALA B 476 -32.35 -51.43 8.29
C ALA B 476 -30.93 -50.90 8.26
N HIS B 477 -30.77 -49.59 8.40
CA HIS B 477 -29.46 -48.96 8.38
C HIS B 477 -28.62 -49.35 9.60
N ARG B 478 -29.30 -49.49 10.73
CA ARG B 478 -28.64 -49.89 11.97
C ARG B 478 -28.13 -51.33 11.82
N ALA B 479 -28.94 -52.17 11.18
CA ALA B 479 -28.58 -53.57 10.99
C ALA B 479 -27.40 -53.69 10.01
N TYR B 480 -27.40 -52.87 8.97
CA TYR B 480 -26.33 -52.89 7.98
C TYR B 480 -25.06 -52.44 8.69
N THR B 481 -25.20 -51.42 9.52
CA THR B 481 -24.07 -50.90 10.26
C THR B 481 -23.47 -51.99 11.15
N ASP B 482 -24.30 -52.65 11.95
CA ASP B 482 -23.82 -53.70 12.84
C ASP B 482 -23.10 -54.80 12.07
N ARG B 483 -23.59 -55.12 10.87
CA ARG B 483 -22.93 -56.14 10.07
C ARG B 483 -21.58 -55.63 9.57
N ALA B 484 -21.55 -54.37 9.11
CA ALA B 484 -20.32 -53.78 8.58
C ALA B 484 -19.16 -53.75 9.56
N ILE B 485 -19.40 -53.27 10.78
CA ILE B 485 -18.34 -53.21 11.76
C ILE B 485 -17.89 -54.60 12.20
N ARG B 486 -18.70 -55.61 11.89
CA ARG B 486 -18.37 -56.99 12.25
C ARG B 486 -17.84 -57.79 11.08
N GLY B 487 -17.50 -57.11 10.00
CA GLY B 487 -16.97 -57.78 8.84
C GLY B 487 -17.96 -58.57 8.00
N GLU B 488 -19.25 -58.24 8.10
CA GLU B 488 -20.29 -58.93 7.33
C GLU B 488 -20.85 -58.10 6.17
N ALA B 489 -20.22 -56.96 5.88
CA ALA B 489 -20.65 -56.15 4.76
C ALA B 489 -20.05 -56.85 3.54
N PHE B 490 -20.26 -56.33 2.34
CA PHE B 490 -19.76 -57.02 1.15
C PHE B 490 -18.87 -56.22 0.22
N ASP B 491 -18.80 -54.91 0.40
CA ASP B 491 -18.00 -54.12 -0.53
C ASP B 491 -16.51 -54.46 -0.61
N ARG B 492 -15.83 -54.55 0.53
CA ARG B 492 -14.40 -54.89 0.52
C ARG B 492 -14.23 -56.32 0.04
N HIS B 493 -15.23 -57.16 0.32
CA HIS B 493 -15.17 -58.55 -0.10
C HIS B 493 -15.20 -58.64 -1.63
N LEU B 494 -16.11 -57.90 -2.26
CA LEU B 494 -16.21 -57.90 -3.71
C LEU B 494 -14.94 -57.32 -4.34
N LEU B 495 -14.39 -56.29 -3.71
CA LEU B 495 -13.16 -55.69 -4.22
C LEU B 495 -12.08 -56.77 -4.18
N GLY B 496 -12.05 -57.51 -3.08
CA GLY B 496 -11.07 -58.57 -2.91
C GLY B 496 -11.16 -59.64 -3.97
N LEU B 497 -12.39 -60.08 -4.28
CA LEU B 497 -12.60 -61.10 -5.29
C LEU B 497 -12.06 -60.56 -6.62
N LYS B 498 -12.29 -59.28 -6.87
CA LYS B 498 -11.82 -58.67 -8.10
C LYS B 498 -10.29 -58.65 -8.17
N LEU B 499 -9.65 -58.23 -7.08
CA LEU B 499 -8.19 -58.17 -7.03
C LEU B 499 -7.58 -59.57 -7.10
N GLN B 500 -8.28 -60.55 -6.54
CA GLN B 500 -7.81 -61.94 -6.57
C GLN B 500 -7.79 -62.44 -8.01
N ALA B 501 -8.81 -62.06 -8.78
CA ALA B 501 -8.88 -62.48 -10.18
C ALA B 501 -7.67 -61.96 -10.93
N ILE B 502 -7.38 -60.67 -10.74
CA ILE B 502 -6.24 -60.03 -11.38
C ILE B 502 -4.96 -60.78 -11.00
N GLU B 503 -4.82 -61.12 -9.73
CA GLU B 503 -3.63 -61.83 -9.26
C GLU B 503 -3.58 -63.27 -9.74
N ASP B 504 -4.74 -63.88 -9.93
CA ASP B 504 -4.80 -65.28 -10.39
C ASP B 504 -4.50 -65.35 -11.88
N LEU B 505 -4.37 -64.19 -12.51
CA LEU B 505 -4.09 -64.12 -13.94
C LEU B 505 -5.26 -64.65 -14.77
N VAL B 506 -6.48 -64.39 -14.31
CA VAL B 506 -7.66 -64.83 -15.04
C VAL B 506 -8.39 -63.60 -15.56
N SER B 507 -9.18 -63.80 -16.61
CA SER B 507 -9.92 -62.69 -17.20
C SER B 507 -10.84 -62.06 -16.16
N MET B 508 -11.03 -60.74 -16.26
CA MET B 508 -11.89 -60.00 -15.34
C MET B 508 -13.29 -60.59 -15.34
N PRO B 509 -13.79 -61.06 -14.19
CA PRO B 509 -15.14 -61.64 -14.11
C PRO B 509 -16.25 -60.72 -14.62
N ASP B 510 -17.24 -61.29 -15.30
CA ASP B 510 -18.36 -60.50 -15.85
C ASP B 510 -19.10 -59.67 -14.81
N ILE B 511 -19.18 -60.18 -13.58
CA ILE B 511 -19.89 -59.48 -12.52
C ILE B 511 -19.28 -58.11 -12.23
N PHE B 512 -17.99 -57.98 -12.48
CA PHE B 512 -17.29 -56.71 -12.25
C PHE B 512 -17.30 -55.82 -13.48
N MET B 513 -17.65 -56.38 -14.63
CA MET B 513 -17.71 -55.58 -15.86
C MET B 513 -19.16 -55.10 -16.03
N ASP B 514 -20.04 -55.71 -15.25
CA ASP B 514 -21.48 -55.42 -15.23
C ASP B 514 -21.81 -53.93 -14.97
N THR B 515 -22.84 -53.44 -15.65
CA THR B 515 -23.28 -52.06 -15.50
C THR B 515 -23.68 -51.78 -14.06
N SER B 516 -24.39 -52.73 -13.45
CA SER B 516 -24.82 -52.56 -12.07
C SER B 516 -23.65 -52.32 -11.14
N TYR B 517 -22.52 -53.01 -11.36
CA TYR B 517 -21.36 -52.81 -10.49
C TYR B 517 -20.78 -51.41 -10.66
N ALA B 518 -20.72 -50.94 -11.90
CA ALA B 518 -20.19 -49.59 -12.16
C ALA B 518 -21.05 -48.58 -11.43
N ILE B 519 -22.36 -48.73 -11.53
CA ILE B 519 -23.28 -47.82 -10.88
C ILE B 519 -23.13 -47.88 -9.36
N ALA B 520 -23.06 -49.10 -8.82
CA ALA B 520 -22.93 -49.28 -7.38
C ALA B 520 -21.65 -48.70 -6.77
N MET B 521 -20.57 -48.64 -7.55
CA MET B 521 -19.29 -48.13 -7.05
C MET B 521 -19.01 -46.67 -7.38
N HIS B 522 -19.98 -46.01 -8.01
CA HIS B 522 -19.90 -44.61 -8.38
C HIS B 522 -20.75 -43.93 -7.32
N PHE B 523 -20.11 -43.44 -6.26
CA PHE B 523 -20.85 -42.86 -5.15
C PHE B 523 -21.21 -41.37 -5.23
N ASN B 524 -22.40 -41.09 -5.75
CA ASN B 524 -22.89 -39.73 -5.86
C ASN B 524 -22.93 -39.11 -4.47
N LEU B 525 -23.08 -39.94 -3.45
CA LEU B 525 -23.07 -39.48 -2.07
C LEU B 525 -22.00 -40.28 -1.36
N SER B 526 -20.96 -39.59 -0.91
CA SER B 526 -19.86 -40.23 -0.17
C SER B 526 -19.90 -39.56 1.18
N THR B 527 -20.09 -40.33 2.24
CA THR B 527 -20.21 -39.75 3.57
C THR B 527 -19.49 -40.49 4.69
N SER B 528 -19.41 -39.82 5.84
CA SER B 528 -18.80 -40.40 7.02
C SER B 528 -19.17 -39.58 8.23
N GLN B 529 -19.17 -40.25 9.37
CA GLN B 529 -19.44 -39.61 10.64
C GLN B 529 -18.12 -39.63 11.39
N VAL B 530 -17.74 -38.51 11.98
CA VAL B 530 -16.52 -38.46 12.76
C VAL B 530 -16.87 -37.75 14.07
N PRO B 531 -17.40 -38.51 15.03
CA PRO B 531 -17.80 -37.99 16.35
C PRO B 531 -16.61 -37.52 17.16
N ALA B 532 -16.78 -36.42 17.89
CA ALA B 532 -15.71 -35.91 18.73
C ALA B 532 -16.27 -35.11 19.89
N LYS B 533 -15.50 -35.03 20.97
CA LYS B 533 -15.93 -34.27 22.13
C LYS B 533 -15.71 -32.80 21.77
N THR B 534 -14.69 -32.54 20.98
CA THR B 534 -14.39 -31.18 20.55
C THR B 534 -15.46 -30.79 19.53
N ASP B 535 -15.94 -29.55 19.61
CA ASP B 535 -16.96 -29.06 18.69
C ASP B 535 -16.29 -28.71 17.36
N CYS B 536 -15.82 -29.75 16.67
CA CYS B 536 -15.14 -29.60 15.39
C CYS B 536 -15.92 -30.27 14.28
N VAL B 537 -15.40 -30.18 13.06
CA VAL B 537 -16.04 -30.82 11.93
C VAL B 537 -14.98 -31.10 10.85
N MET B 538 -15.16 -32.18 10.11
CA MET B 538 -14.23 -32.54 9.05
C MET B 538 -14.95 -32.45 7.70
N PHE B 539 -14.16 -32.46 6.63
CA PHE B 539 -14.71 -32.36 5.29
C PHE B 539 -13.72 -32.91 4.27
N PHE B 540 -14.25 -33.23 3.08
CA PHE B 540 -13.46 -33.77 1.98
C PHE B 540 -14.24 -33.53 0.71
N GLY B 541 -13.55 -33.58 -0.42
CA GLY B 541 -14.24 -33.37 -1.69
C GLY B 541 -14.98 -34.63 -2.12
N PRO B 542 -15.93 -34.49 -3.05
CA PRO B 542 -16.72 -35.62 -3.57
C PRO B 542 -15.77 -36.65 -4.19
N VAL B 543 -16.19 -37.92 -4.27
CA VAL B 543 -15.34 -38.95 -4.87
C VAL B 543 -15.61 -39.10 -6.37
N VAL B 544 -16.68 -38.45 -6.85
CA VAL B 544 -17.04 -38.46 -8.27
C VAL B 544 -17.37 -37.03 -8.70
N PRO B 545 -17.16 -36.73 -10.00
CA PRO B 545 -17.43 -35.38 -10.54
C PRO B 545 -18.85 -34.87 -10.29
N ASP B 546 -19.82 -35.78 -10.33
CA ASP B 546 -21.21 -35.41 -10.12
C ASP B 546 -21.68 -35.82 -8.73
N GLY B 547 -20.76 -35.80 -7.77
CA GLY B 547 -21.11 -36.21 -6.42
C GLY B 547 -20.94 -35.16 -5.33
N TYR B 548 -21.32 -35.57 -4.12
CA TYR B 548 -21.20 -34.73 -2.93
C TYR B 548 -20.33 -35.43 -1.90
N GLY B 549 -19.62 -34.64 -1.09
CA GLY B 549 -18.80 -35.17 -0.03
C GLY B 549 -19.45 -34.65 1.24
N ILE B 550 -19.98 -35.53 2.09
CA ILE B 550 -20.63 -35.08 3.30
C ILE B 550 -20.08 -35.73 4.54
N CYS B 551 -19.72 -34.92 5.53
CA CYS B 551 -19.16 -35.42 6.78
C CYS B 551 -19.84 -34.68 7.92
N TYR B 552 -19.95 -35.33 9.06
CA TYR B 552 -20.58 -34.70 10.20
C TYR B 552 -20.11 -35.18 11.56
N ASN B 553 -20.30 -34.31 12.54
CA ASN B 553 -19.96 -34.59 13.92
C ASN B 553 -21.25 -34.43 14.70
N PRO B 554 -21.90 -35.56 15.04
CA PRO B 554 -23.16 -35.55 15.79
C PRO B 554 -22.90 -35.19 17.26
N MET B 555 -23.25 -33.98 17.69
CA MET B 555 -23.05 -33.62 19.09
C MET B 555 -24.39 -33.93 19.78
N GLU B 556 -24.48 -33.66 21.08
CA GLU B 556 -25.71 -33.96 21.80
C GLU B 556 -26.91 -33.11 21.41
N ALA B 557 -26.73 -31.79 21.36
CA ALA B 557 -27.81 -30.86 21.03
C ALA B 557 -27.71 -30.20 19.65
N HIS B 558 -26.68 -30.55 18.89
CA HIS B 558 -26.51 -30.02 17.54
C HIS B 558 -25.64 -30.94 16.70
N ILE B 559 -25.57 -30.67 15.40
CA ILE B 559 -24.75 -31.49 14.51
C ILE B 559 -23.96 -30.58 13.59
N ASN B 560 -22.65 -30.81 13.48
CA ASN B 560 -21.81 -30.03 12.57
C ASN B 560 -21.76 -30.81 11.25
N PHE B 561 -22.17 -30.15 10.17
CA PHE B 561 -22.18 -30.76 8.83
C PHE B 561 -21.25 -30.02 7.87
N SER B 562 -20.69 -30.75 6.92
CA SER B 562 -19.89 -30.14 5.85
C SER B 562 -20.42 -30.82 4.59
N VAL B 563 -20.61 -30.04 3.52
CA VAL B 563 -21.11 -30.56 2.24
C VAL B 563 -20.27 -29.97 1.11
N SER B 564 -19.67 -30.83 0.30
CA SER B 564 -18.85 -30.36 -0.81
C SER B 564 -19.43 -30.82 -2.14
N ALA B 565 -19.04 -30.13 -3.21
CA ALA B 565 -19.50 -30.47 -4.55
C ALA B 565 -18.54 -29.81 -5.54
N TYR B 566 -18.62 -30.19 -6.81
CA TYR B 566 -17.76 -29.61 -7.84
C TYR B 566 -18.60 -28.72 -8.73
N ASN B 567 -18.11 -27.52 -9.00
CA ASN B 567 -18.84 -26.58 -9.84
C ASN B 567 -18.91 -27.01 -11.30
N SER B 568 -17.97 -27.86 -11.70
CA SER B 568 -17.93 -28.34 -13.08
C SER B 568 -19.16 -29.19 -13.41
N CYS B 569 -19.93 -29.55 -12.38
CA CYS B 569 -21.14 -30.33 -12.58
C CYS B 569 -22.33 -29.44 -12.19
N ALA B 570 -23.08 -28.99 -13.18
CA ALA B 570 -24.22 -28.13 -12.91
C ALA B 570 -25.32 -28.84 -12.14
N GLU B 571 -25.29 -30.17 -12.17
CA GLU B 571 -26.30 -30.99 -11.47
C GLU B 571 -26.16 -31.01 -9.95
N THR B 572 -25.05 -30.52 -9.42
CA THR B 572 -24.85 -30.49 -7.97
C THR B 572 -24.63 -29.08 -7.42
N ASN B 573 -25.06 -28.89 -6.18
CA ASN B 573 -24.91 -27.60 -5.51
C ASN B 573 -24.90 -27.85 -3.99
N ALA B 574 -23.76 -27.63 -3.37
CA ALA B 574 -23.60 -27.86 -1.93
C ALA B 574 -24.58 -27.09 -1.04
N ALA B 575 -24.82 -25.84 -1.37
CA ALA B 575 -25.74 -25.02 -0.57
C ALA B 575 -27.14 -25.62 -0.58
N ARG B 576 -27.60 -26.02 -1.76
CA ARG B 576 -28.93 -26.59 -1.90
C ARG B 576 -29.05 -27.94 -1.18
N MET B 577 -28.05 -28.80 -1.36
CA MET B 577 -28.06 -30.11 -0.72
C MET B 577 -28.15 -29.91 0.80
N ALA B 578 -27.34 -28.99 1.32
CA ALA B 578 -27.33 -28.72 2.76
C ALA B 578 -28.70 -28.26 3.23
N HIS B 579 -29.35 -27.42 2.43
CA HIS B 579 -30.68 -26.90 2.74
C HIS B 579 -31.71 -28.03 2.78
N TYR B 580 -31.69 -28.91 1.79
CA TYR B 580 -32.62 -30.02 1.78
C TYR B 580 -32.35 -30.98 2.93
N LEU B 581 -31.08 -31.17 3.27
CA LEU B 581 -30.71 -32.05 4.38
C LEU B 581 -31.27 -31.50 5.70
N GLU B 582 -31.10 -30.20 5.94
CA GLU B 582 -31.59 -29.56 7.15
C GLU B 582 -33.12 -29.74 7.26
N LYS B 583 -33.80 -29.51 6.14
CA LYS B 583 -35.26 -29.62 6.08
C LYS B 583 -35.75 -31.05 6.24
N ALA B 584 -34.98 -32.00 5.71
CA ALA B 584 -35.33 -33.42 5.82
C ALA B 584 -35.26 -33.82 7.29
N LEU B 585 -34.20 -33.40 7.96
CA LEU B 585 -34.03 -33.71 9.38
C LEU B 585 -35.19 -33.12 10.18
N LEU B 586 -35.58 -31.90 9.84
CA LEU B 586 -36.68 -31.23 10.53
C LEU B 586 -38.02 -31.92 10.25
N ASP B 587 -38.25 -32.29 8.99
CA ASP B 587 -39.50 -32.96 8.61
C ASP B 587 -39.62 -34.33 9.27
N MET B 588 -38.49 -34.99 9.47
CA MET B 588 -38.53 -36.29 10.12
C MET B 588 -38.86 -36.12 11.60
N ARG B 589 -38.34 -35.06 12.21
CA ARG B 589 -38.64 -34.80 13.62
C ARG B 589 -40.12 -34.47 13.76
N THR B 590 -40.62 -33.58 12.91
CA THR B 590 -42.03 -33.19 12.95
C THR B 590 -42.93 -34.40 12.81
N LEU B 591 -42.64 -35.25 11.83
CA LEU B 591 -43.45 -36.44 11.61
C LEU B 591 -43.53 -37.29 12.88
N LEU B 592 -42.37 -37.58 13.48
CA LEU B 592 -42.33 -38.40 14.68
C LEU B 592 -43.04 -37.78 15.88
N GLN B 593 -42.84 -36.47 16.07
CA GLN B 593 -43.47 -35.76 17.18
C GLN B 593 -44.98 -35.66 17.03
N ASN B 594 -45.46 -35.68 15.78
CA ASN B 594 -46.90 -35.59 15.53
C ASN B 594 -47.55 -36.96 15.67
N HIS B 595 -46.75 -37.96 16.02
CA HIS B 595 -47.27 -39.31 16.17
C HIS B 595 -46.62 -40.08 17.30
N PRO B 596 -46.86 -39.66 18.56
CA PRO B 596 -46.28 -40.33 19.73
C PRO B 596 -46.76 -41.79 19.78
N ARG B 597 -46.01 -42.63 20.47
CA ARG B 597 -46.37 -44.06 20.57
C ARG B 597 -47.23 -44.43 21.78
N ALA B 598 -46.62 -44.46 22.96
CA ALA B 598 -47.36 -44.81 24.17
C ALA B 598 -48.38 -43.73 24.54
N LYS B 599 -48.72 -43.65 25.82
CA LYS B 599 -49.68 -42.66 26.32
C LYS B 599 -51.03 -42.85 25.64
#